data_5M5Z
#
_entry.id   5M5Z
#
_cell.length_a   63.774
_cell.length_b   85.277
_cell.length_c   66.765
_cell.angle_alpha   90.00
_cell.angle_beta   92.83
_cell.angle_gamma   90.00
#
_symmetry.space_group_name_H-M   'P 1 21 1'
#
loop_
_entity.id
_entity.type
_entity.pdbx_description
1 polymer Beta-1,3-glucanase
2 branched 2-acetamido-2-deoxy-beta-D-glucopyranose-(1-4)-2-acetamido-2-deoxy-beta-D-glucopyranose
3 non-polymer 2-acetamido-2-deoxy-beta-D-glucopyranose
4 non-polymer GLYCEROL
5 non-polymer 'CHLORIDE ION'
6 non-polymer 'SODIUM ION'
7 water water
#
_entity_poly.entity_id   1
_entity_poly.type   'polypeptide(L)'
_entity_poly.pdbx_seq_one_letter_code
;(PCA)APSGWWLANIARQGRPAFNPDPNYKIFRNVKDYGAVGDGVTDDTAAINAAISDGNRCGQGCSSQTTTPALVYFPP
GTYLVSKPIISYYYTQLVGDAISPPTLKAAANFEGMAVIDADPYDENGNNWWTNQNNFFRQVRNFVIDLTAMPFEVGSGI
HWQVAQATSLQNIVFNMRTDGGDDNRQQGIFMDNGSGGLMVDLVFNGGRYGAFFGNQQFTTRNLTFNNCKTAIFMNWNWA
WTFQDVKINNCEVGIDMSNGGPDGQTVGSVLLLDSHITNTGIGIKTAYDPAQPHTNGTLILDNVEMTGTPIAVQNDATGT
TIVDGNQKIAFFAQGRTYGGSIGGTSGKAVQTTEQAIVKPNVLLDPATGKVFTRSRPQYEDVPVSSFVSVKANGAKGDGV
TDDTDAIQAIFDSVTPEQIVYFDHGAYIITKTVRVPPNIRITGEALPLILAGGDSFFKDQANPKPVFQVGQPGERGRVEM
SDLIFGTAGPQPGAIMMEWNVAGMEPGAAGLWDVHTRIGGYAGTQLELEQCAKNPNITNPIKPECFGSFLMLHVTPGGSA
YLENTWYWVADHALEPEARDQQIDVFNGRGVLIEGDGPVWGWGTSSEHSVLHNYQFNNARNVFLALIQTETPYFQGNPDA
TQPFTVNPNFADPDFATSCTNSPNPEQCKRAWGVRAINSTDVFIYGAGLYSFFDNYDQECLKTQSCQTNMVSLEGNSQVH
LFGLSTKASVNMLTVDGNAVALDADNRNNFCATVAWFQSTA
;
_entity_poly.pdbx_strand_id   A
#
# COMPACT_ATOMS: atom_id res chain seq x y z
N ALA A 2 -2.57 -16.24 30.76
CA ALA A 2 -2.86 -14.95 31.35
C ALA A 2 -2.99 -13.86 30.29
N PRO A 3 -3.75 -12.81 30.59
CA PRO A 3 -3.68 -11.62 29.74
C PRO A 3 -2.25 -11.12 29.65
N SER A 4 -1.91 -10.52 28.52
CA SER A 4 -0.53 -10.15 28.25
C SER A 4 -0.12 -8.86 28.93
N GLY A 5 -1.08 -8.00 29.26
CA GLY A 5 -0.76 -6.65 29.71
C GLY A 5 -0.43 -5.67 28.61
N TRP A 6 -0.49 -6.09 27.34
CA TRP A 6 -0.26 -5.16 26.23
C TRP A 6 -1.21 -3.98 26.36
N TRP A 7 -0.67 -2.78 26.15
CA TRP A 7 -1.45 -1.56 26.36
C TRP A 7 -2.78 -1.60 25.63
N LEU A 8 -2.80 -2.19 24.43
CA LEU A 8 -4.02 -2.16 23.62
C LEU A 8 -5.16 -2.90 24.30
N ALA A 9 -4.85 -3.95 25.05
CA ALA A 9 -5.89 -4.72 25.72
C ALA A 9 -6.60 -3.91 26.80
N ASN A 10 -5.92 -2.93 27.39
CA ASN A 10 -6.44 -2.25 28.57
C ASN A 10 -6.67 -0.76 28.41
N ILE A 11 -6.15 -0.12 27.37
CA ILE A 11 -6.29 1.33 27.27
C ILE A 11 -7.77 1.70 27.29
N ALA A 12 -8.09 2.81 27.96
CA ALA A 12 -9.49 3.20 28.11
C ALA A 12 -10.13 3.41 26.74
N ARG A 13 -11.34 2.92 26.58
CA ARG A 13 -12.03 2.95 25.30
C ARG A 13 -13.04 4.10 25.32
N GLN A 14 -12.73 5.15 24.55
CA GLN A 14 -13.51 6.38 24.50
C GLN A 14 -13.81 6.78 23.06
N GLY A 15 -13.54 5.90 22.08
CA GLY A 15 -13.63 6.29 20.70
C GLY A 15 -14.99 6.03 20.10
N ARG A 16 -15.31 6.79 19.04
CA ARG A 16 -16.55 6.53 18.34
C ARG A 16 -16.44 7.14 16.96
N PRO A 17 -16.97 6.49 15.92
CA PRO A 17 -16.96 7.11 14.58
C PRO A 17 -17.84 8.36 14.61
N ALA A 18 -17.26 9.51 14.29
CA ALA A 18 -17.97 10.77 14.44
C ALA A 18 -19.20 10.87 13.54
N PHE A 19 -19.19 10.15 12.42
CA PHE A 19 -20.27 10.27 11.43
C PHE A 19 -21.15 9.03 11.37
N ASN A 20 -21.04 8.15 12.36
CA ASN A 20 -22.05 7.12 12.61
C ASN A 20 -23.09 7.69 13.56
N PRO A 21 -24.37 7.76 13.17
CA PRO A 21 -25.37 8.42 14.03
C PRO A 21 -25.68 7.69 15.33
N ASP A 22 -25.22 6.44 15.49
CA ASP A 22 -25.54 5.66 16.68
C ASP A 22 -24.55 5.99 17.78
N PRO A 23 -24.97 6.67 18.86
CA PRO A 23 -24.02 7.02 19.92
C PRO A 23 -23.46 5.83 20.68
N ASN A 24 -24.09 4.66 20.57
CA ASN A 24 -23.67 3.49 21.32
C ASN A 24 -22.87 2.49 20.49
N TYR A 25 -22.54 2.83 19.24
CA TYR A 25 -21.68 1.97 18.45
C TYR A 25 -20.33 1.80 19.15
N LYS A 26 -19.83 0.56 19.19
CA LYS A 26 -18.59 0.24 19.87
C LYS A 26 -17.56 -0.23 18.86
N ILE A 27 -16.47 0.53 18.74
CA ILE A 27 -15.45 0.17 17.77
CA ILE A 27 -15.43 0.19 17.77
C ILE A 27 -14.63 -1.02 18.24
N PHE A 28 -14.34 -1.11 19.54
CA PHE A 28 -13.46 -2.15 20.06
C PHE A 28 -14.26 -3.34 20.56
N ARG A 29 -13.86 -4.53 20.16
CA ARG A 29 -14.47 -5.79 20.59
C ARG A 29 -13.37 -6.76 20.99
N ASN A 30 -13.42 -7.24 22.23
CA ASN A 30 -12.56 -8.31 22.69
C ASN A 30 -13.34 -9.62 22.51
N VAL A 31 -12.79 -10.56 21.73
CA VAL A 31 -13.57 -11.76 21.40
C VAL A 31 -14.00 -12.54 22.63
N LYS A 32 -13.22 -12.47 23.72
CA LYS A 32 -13.62 -13.17 24.93
C LYS A 32 -14.83 -12.55 25.59
N ASP A 33 -15.10 -11.26 25.33
CA ASP A 33 -16.33 -10.64 25.82
C ASP A 33 -17.55 -11.08 25.04
N TYR A 34 -17.37 -11.77 23.92
CA TYR A 34 -18.44 -12.34 23.13
C TYR A 34 -18.58 -13.84 23.36
N GLY A 35 -17.87 -14.38 24.35
CA GLY A 35 -17.99 -15.77 24.71
C GLY A 35 -16.90 -16.67 24.17
N ALA A 36 -15.88 -16.13 23.51
CA ALA A 36 -14.76 -16.97 23.09
C ALA A 36 -14.01 -17.45 24.32
N VAL A 37 -13.70 -18.75 24.36
CA VAL A 37 -13.01 -19.31 25.53
C VAL A 37 -11.51 -19.27 25.35
N GLY A 38 -11.01 -19.53 24.15
CA GLY A 38 -9.58 -19.41 23.90
C GLY A 38 -8.75 -20.54 24.47
N ASP A 39 -9.32 -21.72 24.64
CA ASP A 39 -8.60 -22.87 25.17
C ASP A 39 -8.29 -23.93 24.11
N GLY A 40 -8.70 -23.73 22.86
CA GLY A 40 -8.47 -24.71 21.83
C GLY A 40 -9.40 -25.91 21.88
N VAL A 41 -10.35 -25.93 22.82
CA VAL A 41 -11.25 -27.06 23.03
C VAL A 41 -12.70 -26.67 22.74
N THR A 42 -13.15 -25.55 23.32
CA THR A 42 -14.45 -25.01 22.95
C THR A 42 -14.36 -24.38 21.56
N ASP A 43 -15.36 -24.64 20.73
CA ASP A 43 -15.42 -24.03 19.41
C ASP A 43 -15.77 -22.54 19.57
N ASP A 44 -14.89 -21.66 19.11
CA ASP A 44 -15.02 -20.23 19.29
C ASP A 44 -15.49 -19.50 18.02
N THR A 45 -15.88 -20.24 16.97
CA THR A 45 -16.20 -19.63 15.68
C THR A 45 -17.29 -18.57 15.82
N ALA A 46 -18.40 -18.94 16.45
CA ALA A 46 -19.54 -18.03 16.53
C ALA A 46 -19.21 -16.79 17.35
N ALA A 47 -18.48 -16.95 18.45
CA ALA A 47 -18.11 -15.81 19.28
C ALA A 47 -17.24 -14.83 18.50
N ILE A 48 -16.23 -15.34 17.78
CA ILE A 48 -15.35 -14.48 17.00
C ILE A 48 -16.15 -13.76 15.92
N ASN A 49 -16.99 -14.50 15.20
CA ASN A 49 -17.77 -13.89 14.12
C ASN A 49 -18.75 -12.85 14.65
N ALA A 50 -19.32 -13.07 15.85
CA ALA A 50 -20.22 -12.09 16.44
C ALA A 50 -19.46 -10.83 16.87
N ALA A 51 -18.24 -10.99 17.41
CA ALA A 51 -17.44 -9.82 17.76
C ALA A 51 -17.19 -8.96 16.54
N ILE A 52 -17.05 -9.58 15.36
CA ILE A 52 -16.84 -8.83 14.12
C ILE A 52 -18.13 -8.20 13.63
N SER A 53 -19.24 -8.92 13.66
CA SER A 53 -20.45 -8.46 12.99
C SER A 53 -21.31 -7.53 13.85
N ASP A 54 -21.07 -7.46 15.15
CA ASP A 54 -21.93 -6.69 16.05
C ASP A 54 -22.01 -5.23 15.62
N GLY A 55 -23.20 -4.64 15.75
CA GLY A 55 -23.36 -3.22 15.51
C GLY A 55 -23.76 -2.84 14.11
N ASN A 56 -24.39 -3.74 13.36
CA ASN A 56 -24.93 -3.42 12.03
C ASN A 56 -23.82 -2.94 11.10
N ARG A 57 -22.81 -3.77 10.95
CA ARG A 57 -21.64 -3.41 10.17
C ARG A 57 -21.82 -3.79 8.71
N CYS A 58 -20.83 -3.46 7.90
CA CYS A 58 -20.93 -3.57 6.45
C CYS A 58 -20.54 -4.99 6.04
N GLY A 59 -21.56 -5.82 5.85
CA GLY A 59 -21.38 -7.20 5.44
C GLY A 59 -21.94 -7.44 4.06
N GLN A 60 -22.68 -8.53 3.90
CA GLN A 60 -23.25 -8.85 2.60
C GLN A 60 -24.27 -7.79 2.21
N GLY A 61 -24.27 -7.44 0.92
CA GLY A 61 -25.19 -6.43 0.40
C GLY A 61 -24.78 -4.99 0.64
N CYS A 62 -23.65 -4.76 1.30
CA CYS A 62 -23.15 -3.43 1.60
C CYS A 62 -21.89 -3.20 0.77
N SER A 63 -21.94 -2.22 -0.14
CA SER A 63 -20.84 -2.03 -1.08
C SER A 63 -19.55 -1.62 -0.40
N SER A 64 -19.64 -0.75 0.60
CA SER A 64 -18.50 -0.21 1.35
CA SER A 64 -18.50 -0.12 1.26
C SER A 64 -19.07 0.75 2.37
N GLN A 65 -18.24 1.11 3.35
CA GLN A 65 -18.68 1.98 4.43
C GLN A 65 -17.46 2.42 5.22
N THR A 66 -17.47 3.65 5.72
CA THR A 66 -16.35 4.14 6.54
C THR A 66 -16.79 4.48 7.96
N THR A 67 -18.07 4.39 8.26
CA THR A 67 -18.60 4.80 9.56
C THR A 67 -18.79 3.63 10.51
N THR A 68 -18.40 2.42 10.10
CA THR A 68 -18.48 1.24 10.97
C THR A 68 -17.13 0.52 11.07
N PRO A 69 -16.06 1.23 11.45
CA PRO A 69 -14.78 0.55 11.70
C PRO A 69 -14.90 -0.34 12.92
N ALA A 70 -14.05 -1.37 12.97
CA ALA A 70 -13.99 -2.18 14.18
C ALA A 70 -12.56 -2.65 14.39
N LEU A 71 -12.17 -2.72 15.67
CA LEU A 71 -10.91 -3.29 16.11
C LEU A 71 -11.31 -4.50 16.95
N VAL A 72 -11.04 -5.70 16.43
CA VAL A 72 -11.43 -6.95 17.08
C VAL A 72 -10.16 -7.55 17.65
N TYR A 73 -10.08 -7.58 18.98
CA TYR A 73 -8.88 -7.99 19.70
C TYR A 73 -8.99 -9.42 20.21
N PHE A 74 -7.92 -10.19 20.02
CA PHE A 74 -7.85 -11.59 20.44
C PHE A 74 -6.79 -11.71 21.52
N PRO A 75 -7.17 -11.88 22.79
CA PRO A 75 -6.18 -12.10 23.86
C PRO A 75 -5.36 -13.35 23.61
N PRO A 76 -4.22 -13.49 24.30
CA PRO A 76 -3.45 -14.74 24.20
C PRO A 76 -4.34 -15.95 24.42
N GLY A 77 -4.10 -16.99 23.64
CA GLY A 77 -4.93 -18.17 23.71
C GLY A 77 -4.89 -18.94 22.40
N THR A 78 -5.68 -20.00 22.36
CA THR A 78 -5.87 -20.81 21.17
C THR A 78 -7.36 -20.84 20.89
N TYR A 79 -7.75 -20.47 19.67
CA TYR A 79 -9.14 -20.32 19.31
C TYR A 79 -9.48 -21.39 18.26
N LEU A 80 -10.23 -22.40 18.68
CA LEU A 80 -10.67 -23.46 17.78
C LEU A 80 -11.80 -22.95 16.92
N VAL A 81 -11.65 -23.07 15.60
CA VAL A 81 -12.68 -22.63 14.66
C VAL A 81 -12.95 -23.72 13.65
N SER A 82 -14.21 -23.83 13.23
CA SER A 82 -14.63 -24.89 12.34
C SER A 82 -15.28 -24.37 11.06
N LYS A 83 -15.47 -23.06 10.94
CA LYS A 83 -15.95 -22.39 9.74
C LYS A 83 -15.18 -21.07 9.65
N PRO A 84 -15.21 -20.39 8.51
CA PRO A 84 -14.37 -19.18 8.37
C PRO A 84 -14.74 -18.07 9.34
N ILE A 85 -13.70 -17.38 9.79
CA ILE A 85 -13.82 -16.08 10.42
C ILE A 85 -14.05 -15.08 9.30
N ILE A 86 -15.25 -14.48 9.27
CA ILE A 86 -15.64 -13.56 8.21
CA ILE A 86 -15.63 -13.56 8.21
C ILE A 86 -15.26 -12.14 8.64
N SER A 87 -14.28 -11.56 7.96
CA SER A 87 -13.83 -10.21 8.30
C SER A 87 -14.63 -9.18 7.51
N TYR A 88 -15.58 -8.53 8.21
CA TYR A 88 -16.43 -7.52 7.60
C TYR A 88 -15.60 -6.35 7.08
N TYR A 89 -16.23 -5.55 6.21
CA TYR A 89 -15.56 -4.38 5.64
C TYR A 89 -14.98 -3.51 6.76
N TYR A 90 -13.75 -3.02 6.55
CA TYR A 90 -13.15 -2.03 7.45
C TYR A 90 -12.86 -2.60 8.84
N THR A 91 -12.46 -3.87 8.90
CA THR A 91 -12.14 -4.54 10.16
C THR A 91 -10.64 -4.67 10.36
N GLN A 92 -10.18 -4.39 11.57
CA GLN A 92 -8.85 -4.75 12.01
C GLN A 92 -8.96 -5.98 12.91
N LEU A 93 -8.39 -7.10 12.48
CA LEU A 93 -8.26 -8.29 13.33
C LEU A 93 -6.90 -8.22 14.00
N VAL A 94 -6.90 -8.01 15.31
CA VAL A 94 -5.68 -7.67 16.05
C VAL A 94 -5.48 -8.74 17.12
N GLY A 95 -4.62 -9.71 16.83
CA GLY A 95 -4.16 -10.61 17.86
C GLY A 95 -3.23 -9.91 18.83
N ASP A 96 -3.06 -10.52 20.00
CA ASP A 96 -2.14 -9.96 20.98
C ASP A 96 -0.72 -9.91 20.43
N ALA A 97 -0.10 -8.73 20.51
CA ALA A 97 1.24 -8.54 19.94
C ALA A 97 2.33 -9.19 20.79
N ILE A 98 2.11 -9.31 22.09
CA ILE A 98 3.11 -9.90 22.98
C ILE A 98 3.15 -11.41 22.82
N SER A 99 1.97 -12.04 22.82
CA SER A 99 1.84 -13.50 22.68
C SER A 99 0.80 -13.79 21.62
N PRO A 100 1.17 -13.78 20.35
CA PRO A 100 0.18 -13.94 19.28
C PRO A 100 -0.63 -15.20 19.45
N PRO A 101 -1.96 -15.07 19.47
CA PRO A 101 -2.81 -16.24 19.66
C PRO A 101 -2.87 -17.12 18.43
N THR A 102 -3.25 -18.36 18.65
CA THR A 102 -3.40 -19.34 17.58
C THR A 102 -4.86 -19.44 17.16
N LEU A 103 -5.08 -19.39 15.84
CA LEU A 103 -6.36 -19.74 15.23
C LEU A 103 -6.19 -21.17 14.76
N LYS A 104 -6.86 -22.10 15.44
CA LYS A 104 -6.68 -23.53 15.24
CA LYS A 104 -6.68 -23.53 15.24
C LYS A 104 -7.86 -24.08 14.44
N ALA A 105 -7.60 -24.48 13.21
CA ALA A 105 -8.64 -25.07 12.39
C ALA A 105 -9.00 -26.47 12.91
N ALA A 106 -10.28 -26.70 13.15
CA ALA A 106 -10.74 -28.02 13.56
C ALA A 106 -10.47 -29.03 12.45
N ALA A 107 -10.32 -30.29 12.83
CA ALA A 107 -10.09 -31.34 11.84
C ALA A 107 -11.17 -31.35 10.78
N ASN A 108 -12.42 -31.04 11.16
CA ASN A 108 -13.54 -31.01 10.23
C ASN A 108 -13.88 -29.60 9.75
N PHE A 109 -12.93 -28.67 9.81
CA PHE A 109 -13.14 -27.33 9.28
C PHE A 109 -13.68 -27.39 7.86
N GLU A 110 -14.66 -26.54 7.57
CA GLU A 110 -15.20 -26.40 6.22
C GLU A 110 -15.31 -24.92 5.88
N GLY A 111 -14.97 -24.59 4.65
CA GLY A 111 -15.06 -23.22 4.19
C GLY A 111 -13.85 -22.76 3.41
N MET A 112 -13.90 -21.52 2.92
CA MET A 112 -12.89 -21.00 2.01
CA MET A 112 -12.87 -21.05 2.00
C MET A 112 -11.51 -20.94 2.67
N ALA A 113 -11.46 -20.45 3.91
CA ALA A 113 -10.19 -20.23 4.60
C ALA A 113 -10.51 -19.94 6.06
N VAL A 114 -9.48 -20.04 6.90
CA VAL A 114 -9.68 -19.74 8.33
C VAL A 114 -10.13 -18.30 8.54
N ILE A 115 -9.51 -17.35 7.82
CA ILE A 115 -9.98 -15.97 7.76
C ILE A 115 -10.36 -15.67 6.33
N ASP A 116 -11.58 -15.17 6.12
CA ASP A 116 -12.06 -14.81 4.78
C ASP A 116 -12.30 -13.31 4.76
N ALA A 117 -11.52 -12.60 3.95
CA ALA A 117 -11.66 -11.16 3.82
C ALA A 117 -12.58 -10.74 2.69
N ASP A 118 -13.10 -11.68 1.90
CA ASP A 118 -14.08 -11.33 0.86
C ASP A 118 -14.86 -12.58 0.46
N PRO A 119 -15.92 -12.91 1.19
CA PRO A 119 -16.67 -14.14 0.89
C PRO A 119 -17.30 -14.08 -0.50
N TYR A 120 -17.57 -15.26 -1.03
CA TYR A 120 -18.40 -15.43 -2.20
C TYR A 120 -19.76 -15.96 -1.77
N ASP A 121 -20.83 -15.39 -2.31
CA ASP A 121 -22.14 -15.95 -2.05
C ASP A 121 -22.33 -17.24 -2.86
N GLU A 122 -23.53 -17.83 -2.75
CA GLU A 122 -23.77 -19.12 -3.41
C GLU A 122 -23.76 -18.99 -4.93
N ASN A 123 -24.01 -17.79 -5.45
CA ASN A 123 -23.95 -17.55 -6.89
C ASN A 123 -22.57 -17.15 -7.37
N GLY A 124 -21.58 -17.16 -6.50
CA GLY A 124 -20.22 -16.83 -6.90
C GLY A 124 -19.91 -15.36 -6.98
N ASN A 125 -20.71 -14.50 -6.34
CA ASN A 125 -20.44 -13.06 -6.30
C ASN A 125 -19.78 -12.71 -4.97
N ASN A 126 -18.71 -11.93 -5.05
CA ASN A 126 -18.06 -11.44 -3.84
C ASN A 126 -18.99 -10.52 -3.06
N TRP A 127 -18.84 -10.53 -1.74
CA TRP A 127 -19.53 -9.53 -0.93
C TRP A 127 -19.11 -8.12 -1.31
N TRP A 128 -17.82 -7.89 -1.54
CA TRP A 128 -17.27 -6.59 -1.90
C TRP A 128 -16.46 -6.71 -3.18
N THR A 129 -16.64 -5.74 -4.08
CA THR A 129 -15.76 -5.65 -5.23
C THR A 129 -14.32 -5.67 -4.74
N ASN A 130 -13.52 -6.59 -5.28
CA ASN A 130 -12.17 -6.81 -4.74
C ASN A 130 -11.34 -5.54 -4.77
N GLN A 131 -11.50 -4.72 -5.82
CA GLN A 131 -10.70 -3.50 -5.94
C GLN A 131 -11.16 -2.40 -4.99
N ASN A 132 -12.27 -2.59 -4.28
CA ASN A 132 -12.75 -1.60 -3.31
C ASN A 132 -12.63 -2.10 -1.88
N ASN A 133 -11.94 -3.20 -1.64
CA ASN A 133 -11.92 -3.84 -0.32
C ASN A 133 -10.75 -3.28 0.50
N PHE A 134 -10.90 -2.01 0.90
CA PHE A 134 -9.87 -1.17 1.50
C PHE A 134 -9.91 -1.19 3.02
N PHE A 135 -8.80 -0.72 3.64
CA PHE A 135 -8.75 -0.37 5.07
C PHE A 135 -8.97 -1.58 5.97
N ARG A 136 -7.93 -2.42 6.04
CA ARG A 136 -7.98 -3.65 6.83
C ARG A 136 -6.63 -3.93 7.45
N GLN A 137 -6.66 -4.65 8.57
CA GLN A 137 -5.47 -5.26 9.15
C GLN A 137 -5.81 -6.69 9.56
N VAL A 138 -4.83 -7.57 9.43
CA VAL A 138 -4.74 -8.79 10.22
C VAL A 138 -3.33 -8.84 10.77
N ARG A 139 -3.18 -8.86 12.09
CA ARG A 139 -1.85 -8.83 12.67
C ARG A 139 -1.79 -9.68 13.94
N ASN A 140 -0.64 -10.35 14.13
CA ASN A 140 -0.27 -11.05 15.35
C ASN A 140 -1.07 -12.34 15.57
N PHE A 141 -0.86 -13.33 14.70
CA PHE A 141 -1.54 -14.61 14.84
C PHE A 141 -0.60 -15.73 14.45
N VAL A 142 -0.93 -16.93 14.95
CA VAL A 142 -0.48 -18.19 14.40
C VAL A 142 -1.72 -18.88 13.83
N ILE A 143 -1.68 -19.27 12.57
CA ILE A 143 -2.80 -19.96 11.94
C ILE A 143 -2.36 -21.39 11.69
N ASP A 144 -3.07 -22.34 12.30
CA ASP A 144 -2.65 -23.73 12.36
C ASP A 144 -3.66 -24.58 11.60
N LEU A 145 -3.24 -25.12 10.46
CA LEU A 145 -4.06 -26.00 9.63
C LEU A 145 -3.75 -27.48 9.84
N THR A 146 -2.87 -27.82 10.78
CA THR A 146 -2.31 -29.17 10.80
C THR A 146 -3.30 -30.24 11.22
N ALA A 147 -4.42 -29.88 11.86
CA ALA A 147 -5.44 -30.88 12.18
C ALA A 147 -6.31 -31.22 10.98
N MET A 148 -6.37 -30.36 9.97
CA MET A 148 -7.16 -30.63 8.79
C MET A 148 -6.47 -31.67 7.92
N PRO A 149 -7.22 -32.42 7.11
CA PRO A 149 -6.58 -33.30 6.14
C PRO A 149 -5.62 -32.51 5.25
N PHE A 150 -4.54 -33.16 4.82
CA PHE A 150 -3.61 -32.48 3.94
C PHE A 150 -4.25 -32.05 2.62
N GLU A 151 -5.39 -32.65 2.26
CA GLU A 151 -6.06 -32.37 1.00
C GLU A 151 -6.79 -31.03 0.98
N VAL A 152 -6.94 -30.37 2.13
CA VAL A 152 -7.74 -29.15 2.22
C VAL A 152 -7.07 -28.18 3.18
N GLY A 153 -7.36 -26.89 2.99
CA GLY A 153 -7.02 -25.89 3.98
C GLY A 153 -6.29 -24.67 3.45
N SER A 154 -6.81 -23.49 3.77
CA SER A 154 -6.17 -22.22 3.47
C SER A 154 -6.21 -21.35 4.70
N GLY A 155 -5.11 -20.66 4.99
CA GLY A 155 -5.08 -19.83 6.18
C GLY A 155 -5.90 -18.57 6.04
N ILE A 156 -5.64 -17.77 5.01
CA ILE A 156 -6.34 -16.50 4.80
C ILE A 156 -6.71 -16.37 3.34
N HIS A 157 -7.99 -16.12 3.07
CA HIS A 157 -8.44 -15.71 1.74
C HIS A 157 -8.28 -14.19 1.68
N TRP A 158 -7.14 -13.74 1.17
CA TRP A 158 -6.74 -12.33 1.28
C TRP A 158 -6.97 -11.65 -0.06
N GLN A 159 -8.23 -11.32 -0.30
CA GLN A 159 -8.72 -10.72 -1.53
C GLN A 159 -9.10 -9.28 -1.16
N VAL A 160 -8.14 -8.36 -1.36
CA VAL A 160 -8.19 -7.03 -0.73
C VAL A 160 -7.63 -5.98 -1.69
N ALA A 161 -7.78 -4.73 -1.28
CA ALA A 161 -7.27 -3.58 -2.02
C ALA A 161 -6.29 -2.77 -1.18
N GLN A 162 -6.26 -1.45 -1.35
CA GLN A 162 -5.21 -0.63 -0.74
C GLN A 162 -5.50 -0.37 0.75
N ALA A 163 -4.48 0.15 1.43
CA ALA A 163 -4.54 0.41 2.88
C ALA A 163 -4.89 -0.86 3.64
N THR A 164 -4.28 -1.97 3.24
CA THR A 164 -4.46 -3.23 3.91
C THR A 164 -3.09 -3.82 4.25
N SER A 165 -3.05 -4.58 5.34
CA SER A 165 -1.79 -5.21 5.72
C SER A 165 -2.03 -6.54 6.42
N LEU A 166 -1.13 -7.48 6.14
CA LEU A 166 -0.89 -8.64 6.99
C LEU A 166 0.45 -8.40 7.68
N GLN A 167 0.50 -8.62 8.99
CA GLN A 167 1.72 -8.35 9.75
C GLN A 167 1.84 -9.36 10.89
N ASN A 168 3.02 -9.99 11.00
CA ASN A 168 3.34 -10.85 12.14
C ASN A 168 2.37 -12.04 12.24
N ILE A 169 2.37 -12.85 11.19
CA ILE A 169 1.52 -14.05 11.14
C ILE A 169 2.40 -15.24 10.79
N VAL A 170 2.21 -16.33 11.52
CA VAL A 170 2.84 -17.62 11.24
C VAL A 170 1.75 -18.55 10.71
N PHE A 171 2.05 -19.27 9.64
CA PHE A 171 1.13 -20.22 9.04
C PHE A 171 1.74 -21.61 9.17
N ASN A 172 1.10 -22.50 9.92
CA ASN A 172 1.61 -23.85 10.16
C ASN A 172 0.75 -24.86 9.41
N MET A 173 1.38 -25.61 8.51
CA MET A 173 0.68 -26.48 7.57
CA MET A 173 0.66 -26.49 7.61
C MET A 173 1.35 -27.85 7.53
N ARG A 174 0.59 -28.84 7.07
CA ARG A 174 1.11 -30.20 6.94
C ARG A 174 2.08 -30.32 5.77
N THR A 175 2.99 -31.29 5.88
CA THR A 175 3.97 -31.57 4.86
C THR A 175 3.77 -32.91 4.17
N ASP A 176 2.80 -33.71 4.61
CA ASP A 176 2.57 -35.04 4.06
C ASP A 176 1.60 -35.00 2.88
N GLY A 177 1.45 -36.13 2.20
CA GLY A 177 0.49 -36.26 1.13
C GLY A 177 1.03 -36.09 -0.27
N GLY A 178 2.31 -35.75 -0.42
CA GLY A 178 2.86 -35.60 -1.78
C GLY A 178 2.02 -34.65 -2.62
N ASP A 179 1.67 -35.05 -3.85
CA ASP A 179 0.95 -34.19 -4.74
C ASP A 179 -0.47 -33.97 -4.36
N ASP A 180 -0.98 -34.73 -3.42
CA ASP A 180 -2.32 -34.51 -2.98
C ASP A 180 -2.41 -33.52 -1.82
N ASN A 181 -1.28 -33.04 -1.30
CA ASN A 181 -1.32 -31.96 -0.32
C ASN A 181 -1.76 -30.69 -1.04
N ARG A 182 -2.77 -30.02 -0.48
CA ARG A 182 -3.30 -28.80 -1.05
C ARG A 182 -3.29 -27.64 -0.06
N GLN A 183 -2.68 -27.80 1.10
CA GLN A 183 -2.73 -26.73 2.09
C GLN A 183 -1.90 -25.53 1.63
N GLN A 184 -2.39 -24.33 1.95
CA GLN A 184 -1.69 -23.11 1.59
C GLN A 184 -1.94 -22.05 2.66
N GLY A 185 -0.93 -21.21 2.88
CA GLY A 185 -1.05 -20.20 3.92
C GLY A 185 -1.99 -19.08 3.53
N ILE A 186 -1.70 -18.46 2.39
CA ILE A 186 -2.55 -17.41 1.82
C ILE A 186 -3.11 -17.93 0.51
N PHE A 187 -4.43 -17.80 0.34
CA PHE A 187 -5.07 -17.98 -0.96
C PHE A 187 -5.54 -16.60 -1.42
N MET A 188 -4.95 -16.12 -2.49
CA MET A 188 -5.29 -14.81 -3.04
C MET A 188 -5.66 -14.99 -4.51
N ASP A 189 -6.94 -14.80 -4.83
CA ASP A 189 -7.41 -14.95 -6.20
C ASP A 189 -7.21 -13.68 -7.02
N ASN A 190 -7.50 -12.51 -6.46
CA ASN A 190 -7.27 -11.23 -7.16
C ASN A 190 -7.23 -10.12 -6.12
N GLY A 191 -7.13 -8.88 -6.59
CA GLY A 191 -7.19 -7.71 -5.74
C GLY A 191 -6.25 -6.63 -6.23
N SER A 192 -5.99 -5.66 -5.35
CA SER A 192 -5.21 -4.46 -5.69
C SER A 192 -4.52 -3.96 -4.42
N GLY A 193 -3.41 -4.62 -4.06
CA GLY A 193 -2.75 -4.35 -2.79
C GLY A 193 -1.96 -3.05 -2.74
N GLY A 194 -1.38 -2.71 -1.59
CA GLY A 194 -1.41 -3.52 -0.37
C GLY A 194 -0.01 -3.86 0.14
N LEU A 195 0.10 -4.22 1.43
CA LEU A 195 1.36 -4.55 2.06
C LEU A 195 1.24 -5.86 2.85
N MET A 196 2.33 -6.64 2.88
CA MET A 196 2.51 -7.69 3.87
C MET A 196 3.92 -7.61 4.42
N VAL A 197 4.07 -7.79 5.74
CA VAL A 197 5.37 -7.81 6.38
C VAL A 197 5.39 -8.88 7.47
N ASP A 198 6.58 -9.43 7.70
CA ASP A 198 6.85 -10.22 8.90
C ASP A 198 5.95 -11.45 8.96
N LEU A 199 6.03 -12.27 7.93
CA LEU A 199 5.25 -13.50 7.86
C LEU A 199 6.18 -14.70 7.82
N VAL A 200 5.72 -15.82 8.38
CA VAL A 200 6.45 -17.08 8.35
C VAL A 200 5.49 -18.17 7.91
N PHE A 201 5.92 -18.99 6.95
CA PHE A 201 5.13 -20.08 6.40
C PHE A 201 5.89 -21.38 6.62
N ASN A 202 5.25 -22.36 7.26
CA ASN A 202 5.85 -23.65 7.56
C ASN A 202 5.01 -24.74 6.90
N GLY A 203 5.61 -25.45 5.95
CA GLY A 203 4.94 -26.59 5.32
C GLY A 203 3.95 -26.18 4.25
N GLY A 204 3.07 -27.13 3.92
CA GLY A 204 2.04 -26.92 2.95
C GLY A 204 2.50 -27.16 1.52
N ARG A 205 1.53 -27.19 0.61
CA ARG A 205 1.85 -27.19 -0.81
C ARG A 205 2.42 -25.84 -1.23
N TYR A 206 1.71 -24.76 -0.89
CA TYR A 206 2.17 -23.41 -1.18
C TYR A 206 2.23 -22.64 0.13
N GLY A 207 3.32 -21.91 0.36
CA GLY A 207 3.26 -20.88 1.38
C GLY A 207 2.17 -19.88 1.03
N ALA A 208 2.22 -19.36 -0.18
CA ALA A 208 1.22 -18.42 -0.66
C ALA A 208 0.91 -18.69 -2.11
N PHE A 209 -0.38 -18.61 -2.43
CA PHE A 209 -0.88 -18.60 -3.81
C PHE A 209 -1.34 -17.17 -4.04
N PHE A 210 -0.67 -16.47 -4.94
CA PHE A 210 -0.85 -15.04 -5.11
C PHE A 210 -1.39 -14.67 -6.48
N GLY A 211 -2.34 -13.75 -6.51
CA GLY A 211 -2.83 -13.18 -7.75
C GLY A 211 -3.35 -11.79 -7.44
N ASN A 212 -2.80 -10.75 -8.08
CA ASN A 212 -3.15 -9.40 -7.70
C ASN A 212 -2.59 -8.45 -8.75
N GLN A 213 -3.20 -7.27 -8.87
CA GLN A 213 -2.59 -6.24 -9.71
C GLN A 213 -1.16 -5.94 -9.26
N GLN A 214 -0.99 -5.61 -7.97
CA GLN A 214 0.31 -5.18 -7.48
C GLN A 214 0.33 -5.32 -5.96
N PHE A 215 1.52 -5.60 -5.43
CA PHE A 215 1.66 -5.81 -4.00
C PHE A 215 3.12 -5.58 -3.61
N THR A 216 3.34 -5.16 -2.36
CA THR A 216 4.67 -5.06 -1.76
C THR A 216 4.69 -5.99 -0.55
N THR A 217 5.63 -6.92 -0.52
CA THR A 217 5.64 -7.89 0.57
C THR A 217 7.08 -8.15 0.99
N ARG A 218 7.39 -7.94 2.28
CA ARG A 218 8.77 -8.02 2.74
C ARG A 218 8.89 -8.74 4.08
N ASN A 219 10.10 -9.24 4.34
CA ASN A 219 10.41 -10.09 5.48
C ASN A 219 9.40 -11.25 5.57
N LEU A 220 9.47 -12.11 4.56
CA LEU A 220 8.71 -13.35 4.53
C LEU A 220 9.69 -14.51 4.60
N THR A 221 9.35 -15.51 5.42
CA THR A 221 10.17 -16.71 5.57
C THR A 221 9.30 -17.92 5.21
N PHE A 222 9.85 -18.82 4.39
CA PHE A 222 9.17 -20.03 3.96
C PHE A 222 10.04 -21.23 4.30
N ASN A 223 9.50 -22.18 5.04
CA ASN A 223 10.24 -23.34 5.52
C ASN A 223 9.53 -24.61 5.08
N ASN A 224 10.18 -25.42 4.25
CA ASN A 224 9.67 -26.76 3.94
C ASN A 224 8.33 -26.75 3.20
N CYS A 225 8.06 -25.71 2.43
CA CYS A 225 6.92 -25.73 1.53
C CYS A 225 7.29 -26.50 0.27
N LYS A 226 6.29 -27.00 -0.44
CA LYS A 226 6.60 -27.57 -1.76
C LYS A 226 7.01 -26.48 -2.72
N THR A 227 6.16 -25.48 -2.92
CA THR A 227 6.53 -24.24 -3.59
C THR A 227 6.26 -23.11 -2.61
N ALA A 228 7.28 -22.31 -2.32
CA ALA A 228 7.09 -21.22 -1.36
C ALA A 228 6.04 -20.24 -1.84
N ILE A 229 6.22 -19.70 -3.05
CA ILE A 229 5.37 -18.66 -3.60
C ILE A 229 4.91 -19.12 -4.97
N PHE A 230 3.61 -19.35 -5.11
CA PHE A 230 3.02 -19.62 -6.41
C PHE A 230 2.39 -18.33 -6.90
N MET A 231 3.01 -17.70 -7.88
CA MET A 231 2.51 -16.45 -8.46
C MET A 231 1.60 -16.82 -9.63
N ASN A 232 0.29 -16.78 -9.38
CA ASN A 232 -0.69 -17.17 -10.39
C ASN A 232 -0.83 -16.11 -11.49
N TRP A 233 -0.96 -14.84 -11.09
CA TRP A 233 -1.02 -13.75 -12.06
C TRP A 233 -0.66 -12.47 -11.33
N ASN A 234 -0.17 -11.49 -12.07
CA ASN A 234 -0.04 -10.14 -11.55
C ASN A 234 0.17 -9.16 -12.69
N TRP A 235 0.19 -7.88 -12.34
CA TRP A 235 0.87 -6.90 -13.18
C TRP A 235 2.27 -6.61 -12.66
N ALA A 236 2.43 -6.45 -11.34
CA ALA A 236 3.75 -6.25 -10.75
C ALA A 236 3.70 -6.74 -9.30
N TRP A 237 4.88 -7.09 -8.77
CA TRP A 237 4.97 -7.51 -7.38
C TRP A 237 6.42 -7.32 -6.94
N THR A 238 6.62 -6.66 -5.81
CA THR A 238 7.96 -6.50 -5.26
C THR A 238 8.07 -7.25 -3.94
N PHE A 239 9.03 -8.17 -3.89
CA PHE A 239 9.41 -8.91 -2.70
C PHE A 239 10.75 -8.39 -2.20
N GLN A 240 10.89 -8.26 -0.89
CA GLN A 240 12.17 -7.88 -0.31
C GLN A 240 12.39 -8.68 0.96
N ASP A 241 13.65 -9.04 1.23
CA ASP A 241 14.01 -9.71 2.47
C ASP A 241 13.21 -11.01 2.64
N VAL A 242 13.14 -11.78 1.57
CA VAL A 242 12.49 -13.09 1.59
C VAL A 242 13.55 -14.15 1.87
N LYS A 243 13.22 -15.06 2.77
CA LYS A 243 14.05 -16.22 3.08
C LYS A 243 13.24 -17.47 2.74
N ILE A 244 13.73 -18.24 1.79
CA ILE A 244 13.12 -19.51 1.40
C ILE A 244 14.09 -20.61 1.78
N ASN A 245 13.61 -21.60 2.54
CA ASN A 245 14.47 -22.62 3.14
C ASN A 245 13.88 -23.99 2.86
N ASN A 246 14.67 -24.85 2.19
CA ASN A 246 14.34 -26.25 2.02
CA ASN A 246 14.33 -26.26 2.04
C ASN A 246 12.97 -26.46 1.36
N CYS A 247 12.72 -25.71 0.30
CA CYS A 247 11.52 -25.86 -0.51
C CYS A 247 11.88 -26.56 -1.82
N GLU A 248 10.89 -27.12 -2.51
CA GLU A 248 11.19 -27.67 -3.84
C GLU A 248 11.40 -26.56 -4.86
N VAL A 249 10.54 -25.54 -4.82
CA VAL A 249 10.61 -24.40 -5.71
C VAL A 249 10.42 -23.15 -4.87
N GLY A 250 11.19 -22.10 -5.17
CA GLY A 250 11.03 -20.86 -4.45
C GLY A 250 9.86 -20.04 -4.96
N ILE A 251 9.99 -19.46 -6.15
CA ILE A 251 8.92 -18.71 -6.79
C ILE A 251 8.58 -19.40 -8.10
N ASP A 252 7.33 -19.81 -8.25
CA ASP A 252 6.80 -20.32 -9.50
C ASP A 252 6.06 -19.18 -10.18
N MET A 253 6.62 -18.68 -11.28
CA MET A 253 6.00 -17.59 -12.04
C MET A 253 5.77 -17.96 -13.50
N SER A 254 5.68 -19.25 -13.81
CA SER A 254 5.54 -19.71 -15.19
C SER A 254 4.10 -20.01 -15.60
N ASN A 255 3.10 -19.68 -14.77
CA ASN A 255 1.70 -19.96 -15.09
C ASN A 255 1.34 -19.49 -16.48
N GLY A 256 0.66 -20.36 -17.22
CA GLY A 256 0.23 -20.05 -18.57
C GLY A 256 1.18 -20.50 -19.65
N GLY A 257 2.43 -20.79 -19.31
CA GLY A 257 3.39 -21.27 -20.29
C GLY A 257 3.92 -20.17 -21.17
N PRO A 258 4.84 -20.54 -22.07
CA PRO A 258 5.57 -19.52 -22.85
C PRO A 258 4.70 -18.74 -23.82
N ASP A 259 3.49 -19.21 -24.11
CA ASP A 259 2.59 -18.51 -25.02
C ASP A 259 1.35 -17.97 -24.31
N GLY A 260 1.42 -17.81 -22.99
CA GLY A 260 0.28 -17.30 -22.24
C GLY A 260 0.62 -16.95 -20.81
N GLN A 261 1.79 -16.37 -20.57
CA GLN A 261 2.21 -16.07 -19.22
C GLN A 261 1.27 -15.07 -18.57
N THR A 262 0.72 -15.43 -17.42
CA THR A 262 -0.21 -14.57 -16.69
C THR A 262 0.48 -13.72 -15.63
N VAL A 263 1.76 -13.96 -15.35
CA VAL A 263 2.52 -13.14 -14.42
C VAL A 263 3.16 -11.99 -15.20
N GLY A 264 2.79 -10.76 -14.85
CA GLY A 264 3.35 -9.60 -15.54
C GLY A 264 4.81 -9.36 -15.19
N SER A 265 5.12 -9.27 -13.90
CA SER A 265 6.49 -8.96 -13.49
C SER A 265 6.67 -9.27 -12.01
N VAL A 266 7.89 -9.69 -11.66
CA VAL A 266 8.28 -9.98 -10.28
C VAL A 266 9.62 -9.34 -10.03
N LEU A 267 9.77 -8.71 -8.86
CA LEU A 267 11.05 -8.19 -8.40
C LEU A 267 11.36 -8.83 -7.05
N LEU A 268 12.60 -9.27 -6.89
CA LEU A 268 13.04 -9.94 -5.66
C LEU A 268 14.35 -9.28 -5.21
N LEU A 269 14.30 -8.64 -4.04
CA LEU A 269 15.40 -7.82 -3.52
C LEU A 269 15.88 -8.36 -2.18
N ASP A 270 17.18 -8.30 -1.94
CA ASP A 270 17.74 -8.51 -0.60
C ASP A 270 17.26 -9.83 0.02
N SER A 271 17.34 -10.91 -0.74
CA SER A 271 16.67 -12.15 -0.36
C SER A 271 17.64 -13.32 -0.39
N HIS A 272 17.15 -14.47 0.08
CA HIS A 272 17.97 -15.68 0.22
C HIS A 272 17.10 -16.88 -0.12
N ILE A 273 17.50 -17.63 -1.13
CA ILE A 273 16.80 -18.87 -1.48
C ILE A 273 17.77 -20.00 -1.18
N THR A 274 17.52 -20.71 -0.08
CA THR A 274 18.49 -21.61 0.54
C THR A 274 17.99 -23.05 0.47
N ASN A 275 18.88 -23.95 0.04
CA ASN A 275 18.61 -25.39 0.10
C ASN A 275 17.34 -25.77 -0.64
N THR A 276 17.09 -25.11 -1.76
CA THR A 276 15.86 -25.24 -2.52
C THR A 276 16.19 -25.85 -3.88
N GLY A 277 15.25 -26.64 -4.42
CA GLY A 277 15.53 -27.34 -5.66
C GLY A 277 15.71 -26.40 -6.84
N ILE A 278 14.74 -25.52 -7.05
CA ILE A 278 14.75 -24.54 -8.13
C ILE A 278 14.36 -23.21 -7.51
N GLY A 279 15.21 -22.19 -7.64
CA GLY A 279 14.91 -20.92 -7.03
C GLY A 279 13.66 -20.27 -7.62
N ILE A 280 13.67 -20.09 -8.92
CA ILE A 280 12.57 -19.42 -9.65
C ILE A 280 12.31 -20.19 -10.93
N LYS A 281 11.05 -20.55 -11.15
CA LYS A 281 10.60 -21.17 -12.40
C LYS A 281 9.92 -20.10 -13.24
N THR A 282 10.41 -19.94 -14.48
CA THR A 282 9.87 -18.94 -15.39
C THR A 282 9.70 -19.56 -16.77
N ALA A 283 8.79 -18.98 -17.55
CA ALA A 283 8.63 -19.36 -18.96
C ALA A 283 9.18 -18.30 -19.90
N TYR A 284 9.89 -17.30 -19.39
CA TYR A 284 10.35 -16.18 -20.20
C TYR A 284 11.50 -16.60 -21.11
N ASP A 285 11.46 -16.12 -22.36
CA ASP A 285 12.61 -16.18 -23.24
C ASP A 285 12.67 -14.86 -24.01
N PRO A 286 13.87 -14.29 -24.21
CA PRO A 286 13.94 -12.95 -24.82
C PRO A 286 13.50 -12.88 -26.28
N ALA A 287 13.29 -14.02 -26.96
CA ALA A 287 12.72 -13.98 -28.30
C ALA A 287 11.20 -13.87 -28.29
N GLN A 288 10.56 -13.92 -27.12
CA GLN A 288 9.11 -13.91 -27.08
C GLN A 288 8.57 -12.54 -27.51
N PRO A 289 7.32 -12.48 -27.98
CA PRO A 289 6.82 -11.22 -28.55
C PRO A 289 6.46 -10.15 -27.54
N HIS A 290 6.31 -10.49 -26.26
CA HIS A 290 5.76 -9.60 -25.23
C HIS A 290 6.72 -9.55 -24.06
N THR A 291 6.35 -8.77 -23.04
CA THR A 291 7.17 -8.61 -21.84
C THR A 291 6.65 -9.43 -20.65
N ASN A 292 5.63 -10.26 -20.84
CA ASN A 292 5.11 -11.05 -19.74
C ASN A 292 6.23 -11.87 -19.13
N GLY A 293 6.20 -12.04 -17.82
CA GLY A 293 7.22 -12.82 -17.16
C GLY A 293 8.49 -12.05 -16.87
N THR A 294 8.44 -10.72 -16.87
CA THR A 294 9.58 -9.90 -16.50
C THR A 294 10.01 -10.22 -15.08
N LEU A 295 11.33 -10.27 -14.85
CA LEU A 295 11.87 -10.61 -13.54
C LEU A 295 13.13 -9.78 -13.29
N ILE A 296 13.20 -9.20 -12.09
CA ILE A 296 14.38 -8.52 -11.59
C ILE A 296 14.82 -9.20 -10.30
N LEU A 297 16.10 -9.55 -10.22
CA LEU A 297 16.72 -9.97 -8.98
C LEU A 297 17.75 -8.92 -8.61
N ASP A 298 17.79 -8.55 -7.33
CA ASP A 298 18.76 -7.58 -6.86
C ASP A 298 19.24 -8.05 -5.48
N ASN A 299 20.52 -8.44 -5.39
CA ASN A 299 21.12 -8.83 -4.12
C ASN A 299 20.41 -10.05 -3.53
N VAL A 300 20.49 -11.17 -4.26
CA VAL A 300 19.78 -12.40 -3.88
C VAL A 300 20.78 -13.54 -3.75
N GLU A 301 20.85 -14.13 -2.56
CA GLU A 301 21.67 -15.33 -2.34
C GLU A 301 20.91 -16.58 -2.77
N MET A 302 21.67 -17.58 -3.23
CA MET A 302 21.14 -18.86 -3.70
CA MET A 302 21.16 -18.86 -3.71
C MET A 302 21.92 -20.02 -3.08
N THR A 303 22.10 -19.97 -1.76
CA THR A 303 22.99 -20.91 -1.07
C THR A 303 22.35 -22.29 -0.99
N GLY A 304 23.05 -23.31 -1.51
CA GLY A 304 22.50 -24.64 -1.54
C GLY A 304 21.35 -24.81 -2.51
N THR A 305 21.18 -23.86 -3.44
CA THR A 305 20.10 -23.91 -4.43
C THR A 305 20.77 -23.98 -5.79
N PRO A 306 20.91 -25.16 -6.38
CA PRO A 306 21.81 -25.30 -7.54
C PRO A 306 21.28 -24.64 -8.79
N ILE A 307 19.97 -24.60 -8.97
CA ILE A 307 19.32 -23.98 -10.11
C ILE A 307 18.65 -22.72 -9.59
N ALA A 308 19.25 -21.56 -9.89
CA ALA A 308 18.71 -20.31 -9.38
C ALA A 308 17.48 -19.87 -10.17
N VAL A 309 17.58 -19.85 -11.50
CA VAL A 309 16.48 -19.52 -12.38
C VAL A 309 16.42 -20.58 -13.46
N GLN A 310 15.25 -21.18 -13.65
CA GLN A 310 15.05 -22.21 -14.64
C GLN A 310 13.94 -21.77 -15.59
N ASN A 311 14.19 -21.92 -16.90
CA ASN A 311 13.10 -21.84 -17.87
C ASN A 311 12.44 -23.21 -17.87
N ASP A 312 11.25 -23.31 -17.29
CA ASP A 312 10.64 -24.63 -17.17
C ASP A 312 9.91 -25.07 -18.42
N ALA A 313 9.80 -24.21 -19.44
CA ALA A 313 9.27 -24.65 -20.73
C ALA A 313 10.33 -25.43 -21.50
N THR A 314 11.57 -24.95 -21.48
CA THR A 314 12.68 -25.62 -22.14
C THR A 314 13.47 -26.54 -21.23
N GLY A 315 13.28 -26.41 -19.91
CA GLY A 315 14.04 -27.18 -18.95
C GLY A 315 15.43 -26.66 -18.68
N THR A 316 15.81 -25.52 -19.25
CA THR A 316 17.17 -25.02 -19.22
C THR A 316 17.41 -24.14 -18.00
N THR A 317 18.55 -24.37 -17.35
CA THR A 317 18.99 -23.48 -16.28
C THR A 317 19.45 -22.16 -16.89
N ILE A 318 18.81 -21.06 -16.47
CA ILE A 318 19.18 -19.74 -16.95
C ILE A 318 20.27 -19.12 -16.07
N VAL A 319 20.20 -19.32 -14.76
CA VAL A 319 21.17 -18.81 -13.82
C VAL A 319 21.52 -19.92 -12.84
N ASP A 320 22.82 -20.20 -12.71
CA ASP A 320 23.29 -21.14 -11.71
C ASP A 320 23.23 -20.52 -10.31
N GLY A 321 22.92 -21.35 -9.32
CA GLY A 321 22.91 -20.92 -7.93
C GLY A 321 24.23 -21.16 -7.24
N ASN A 322 24.17 -21.32 -5.92
CA ASN A 322 25.36 -21.49 -5.08
C ASN A 322 26.32 -20.31 -5.20
N GLN A 323 25.74 -19.13 -5.39
CA GLN A 323 26.47 -17.88 -5.45
C GLN A 323 25.46 -16.78 -5.29
N LYS A 324 25.93 -15.60 -4.90
CA LYS A 324 25.05 -14.45 -4.85
C LYS A 324 24.80 -13.92 -6.25
N ILE A 325 23.57 -13.54 -6.51
CA ILE A 325 23.19 -12.86 -7.75
CA ILE A 325 23.19 -12.86 -7.75
C ILE A 325 23.07 -11.37 -7.41
N ALA A 326 24.06 -10.57 -7.83
CA ALA A 326 24.00 -9.15 -7.54
C ALA A 326 22.85 -8.49 -8.27
N PHE A 327 22.65 -8.84 -9.54
CA PHE A 327 21.59 -8.26 -10.35
C PHE A 327 21.28 -9.17 -11.52
N PHE A 328 20.00 -9.36 -11.79
CA PHE A 328 19.53 -10.11 -12.94
C PHE A 328 18.31 -9.40 -13.49
N ALA A 329 18.21 -9.34 -14.82
CA ALA A 329 17.04 -8.78 -15.48
C ALA A 329 16.64 -9.68 -16.65
N GLN A 330 15.34 -9.94 -16.76
CA GLN A 330 14.78 -10.49 -17.98
C GLN A 330 13.53 -9.69 -18.32
N GLY A 331 13.35 -9.43 -19.62
CA GLY A 331 12.39 -8.45 -20.08
C GLY A 331 13.13 -7.40 -20.89
N ARG A 332 12.49 -6.26 -21.12
CA ARG A 332 13.07 -5.24 -21.97
C ARG A 332 13.79 -4.17 -21.14
N THR A 333 14.95 -3.74 -21.63
CA THR A 333 15.73 -2.72 -20.98
C THR A 333 15.99 -1.58 -21.94
N TYR A 334 16.05 -0.36 -21.38
CA TYR A 334 16.32 0.86 -22.15
C TYR A 334 17.42 1.63 -21.45
N GLY A 335 18.05 2.50 -22.23
CA GLY A 335 19.13 3.33 -21.72
C GLY A 335 20.45 2.59 -21.67
N GLY A 336 21.51 3.34 -21.42
CA GLY A 336 22.83 2.75 -21.31
C GLY A 336 23.29 2.10 -22.61
N SER A 337 24.26 1.21 -22.47
CA SER A 337 24.86 0.53 -23.62
C SER A 337 24.09 -0.71 -24.05
N ILE A 338 23.25 -1.27 -23.18
CA ILE A 338 22.56 -2.52 -23.48
C ILE A 338 21.28 -2.24 -24.27
N GLY A 339 20.33 -1.56 -23.65
CA GLY A 339 19.07 -1.28 -24.30
C GLY A 339 19.14 -0.14 -25.31
N GLY A 340 19.92 0.89 -24.98
CA GLY A 340 19.99 2.04 -25.87
C GLY A 340 18.66 2.77 -25.98
N THR A 341 18.51 3.48 -27.10
CA THR A 341 17.28 4.22 -27.32
C THR A 341 16.14 3.34 -27.81
N SER A 342 16.46 2.24 -28.52
CA SER A 342 15.42 1.40 -29.08
C SER A 342 14.89 0.37 -28.09
N GLY A 343 15.63 0.08 -27.02
CA GLY A 343 15.28 -0.99 -26.12
C GLY A 343 15.75 -2.34 -26.63
N LYS A 344 15.89 -3.28 -25.70
CA LYS A 344 16.35 -4.62 -26.03
C LYS A 344 15.79 -5.60 -25.02
N ALA A 345 15.32 -6.75 -25.51
CA ALA A 345 14.91 -7.84 -24.64
C ALA A 345 16.14 -8.64 -24.21
N VAL A 346 16.26 -8.89 -22.91
CA VAL A 346 17.43 -9.55 -22.34
C VAL A 346 16.98 -10.59 -21.33
N GLN A 347 17.92 -11.46 -20.96
CA GLN A 347 17.71 -12.43 -19.90
C GLN A 347 19.13 -12.76 -19.40
N THR A 348 19.59 -12.00 -18.41
CA THR A 348 21.00 -12.04 -18.07
C THR A 348 21.26 -11.47 -16.68
N THR A 349 22.33 -11.96 -16.05
CA THR A 349 22.90 -11.26 -14.91
C THR A 349 23.68 -10.04 -15.40
N GLU A 350 23.84 -9.07 -14.51
CA GLU A 350 24.57 -7.85 -14.82
C GLU A 350 25.14 -7.27 -13.53
N GLN A 351 25.80 -6.13 -13.64
CA GLN A 351 26.51 -5.58 -12.49
C GLN A 351 25.56 -5.07 -11.42
N ALA A 352 26.04 -5.08 -10.18
CA ALA A 352 25.25 -4.68 -9.03
C ALA A 352 24.73 -3.25 -9.18
N ILE A 353 23.53 -3.03 -8.66
CA ILE A 353 22.95 -1.69 -8.56
C ILE A 353 23.39 -1.13 -7.21
N VAL A 354 24.33 -0.18 -7.23
CA VAL A 354 24.86 0.37 -6.00
C VAL A 354 23.93 1.46 -5.48
N LYS A 355 23.52 1.31 -4.24
CA LYS A 355 22.65 2.30 -3.60
C LYS A 355 23.44 3.09 -2.58
N PRO A 356 23.10 4.36 -2.38
CA PRO A 356 23.84 5.18 -1.40
C PRO A 356 23.69 4.59 0.00
N ASN A 357 24.75 4.74 0.79
CA ASN A 357 24.75 4.18 2.13
C ASN A 357 23.62 4.73 3.00
N VAL A 358 23.19 5.97 2.76
CA VAL A 358 22.11 6.53 3.57
C VAL A 358 20.81 5.76 3.44
N LEU A 359 20.63 4.97 2.38
CA LEU A 359 19.42 4.19 2.19
C LEU A 359 19.50 2.79 2.78
N LEU A 360 20.68 2.36 3.22
CA LEU A 360 20.91 0.98 3.61
C LEU A 360 20.88 0.82 5.12
N ASP A 361 20.53 -0.40 5.55
CA ASP A 361 20.74 -0.79 6.92
C ASP A 361 22.22 -1.14 7.08
N PRO A 362 22.98 -0.41 7.92
CA PRO A 362 24.41 -0.72 8.03
C PRO A 362 24.70 -2.12 8.56
N ALA A 363 23.78 -2.72 9.30
CA ALA A 363 24.02 -4.05 9.87
C ALA A 363 23.90 -5.15 8.83
N THR A 364 23.04 -5.00 7.83
CA THR A 364 22.78 -6.05 6.87
C THR A 364 23.16 -5.69 5.44
N GLY A 365 23.39 -4.42 5.13
CA GLY A 365 23.58 -3.99 3.76
C GLY A 365 22.34 -4.07 2.90
N LYS A 366 21.21 -4.49 3.44
CA LYS A 366 19.95 -4.44 2.73
C LYS A 366 19.41 -3.02 2.76
N VAL A 367 18.49 -2.72 1.83
CA VAL A 367 17.77 -1.46 1.94
C VAL A 367 17.03 -1.43 3.27
N PHE A 368 17.10 -0.30 3.97
CA PHE A 368 16.57 -0.23 5.32
C PHE A 368 15.06 -0.48 5.37
N THR A 369 14.62 -1.28 6.34
CA THR A 369 13.20 -1.53 6.58
C THR A 369 12.88 -1.49 8.07
N ARG A 370 11.62 -1.15 8.38
CA ARG A 370 11.10 -1.14 9.73
C ARG A 370 9.59 -1.29 9.67
N SER A 371 9.04 -2.24 10.43
CA SER A 371 7.60 -2.50 10.40
C SER A 371 6.84 -1.56 11.33
N ARG A 372 5.53 -1.49 11.11
CA ARG A 372 4.65 -0.64 11.90
C ARG A 372 4.83 -0.93 13.39
N PRO A 373 5.08 0.09 14.21
CA PRO A 373 5.32 -0.15 15.64
C PRO A 373 4.03 -0.46 16.38
N GLN A 374 4.12 -1.42 17.29
CA GLN A 374 3.01 -1.80 18.15
C GLN A 374 3.27 -1.51 19.62
N TYR A 375 4.45 -1.00 19.97
CA TYR A 375 4.72 -0.47 21.30
C TYR A 375 4.46 -1.50 22.40
N GLU A 376 4.91 -2.74 22.15
CA GLU A 376 4.58 -3.86 23.03
C GLU A 376 5.00 -3.60 24.47
N ASP A 377 6.14 -2.93 24.66
CA ASP A 377 6.72 -2.77 25.98
C ASP A 377 6.31 -1.46 26.65
N VAL A 378 5.45 -0.67 26.05
CA VAL A 378 5.08 0.63 26.60
C VAL A 378 3.88 0.46 27.52
N PRO A 379 3.96 0.90 28.78
CA PRO A 379 2.82 0.72 29.68
C PRO A 379 1.67 1.64 29.32
N VAL A 380 0.47 1.22 29.73
CA VAL A 380 -0.76 1.98 29.48
CA VAL A 380 -0.70 2.00 29.40
C VAL A 380 -0.61 3.42 29.95
N SER A 381 0.09 3.61 31.08
CA SER A 381 0.20 4.94 31.67
C SER A 381 0.99 5.92 30.81
N SER A 382 1.74 5.44 29.82
CA SER A 382 2.50 6.34 28.97
C SER A 382 1.69 6.90 27.80
N PHE A 383 0.47 6.41 27.60
CA PHE A 383 -0.37 6.90 26.50
C PHE A 383 -1.17 8.10 26.96
N VAL A 384 -1.14 9.15 26.15
CA VAL A 384 -1.82 10.40 26.42
C VAL A 384 -3.00 10.48 25.44
N SER A 385 -4.20 10.23 25.95
CA SER A 385 -5.40 10.24 25.14
C SER A 385 -5.80 11.66 24.77
N VAL A 386 -6.05 11.89 23.48
CA VAL A 386 -6.44 13.24 23.07
C VAL A 386 -7.80 13.61 23.64
N LYS A 387 -8.75 12.67 23.70
CA LYS A 387 -10.05 12.98 24.27
C LYS A 387 -9.96 13.23 25.77
N ALA A 388 -9.06 12.54 26.47
CA ALA A 388 -8.85 12.81 27.89
C ALA A 388 -8.23 14.18 28.11
N ASN A 389 -7.64 14.78 27.08
CA ASN A 389 -6.90 16.03 27.20
C ASN A 389 -7.50 17.13 26.32
N GLY A 390 -8.82 17.13 26.16
CA GLY A 390 -9.52 18.31 25.70
C GLY A 390 -9.95 18.30 24.26
N ALA A 391 -9.57 17.30 23.47
CA ALA A 391 -10.02 17.22 22.09
C ALA A 391 -11.33 16.45 22.04
N LYS A 392 -12.30 16.98 21.29
CA LYS A 392 -13.63 16.37 21.28
C LYS A 392 -13.74 15.23 20.27
N GLY A 393 -13.09 15.34 19.11
CA GLY A 393 -13.19 14.29 18.12
C GLY A 393 -14.58 14.05 17.58
N ASP A 394 -15.42 15.08 17.60
CA ASP A 394 -16.83 14.94 17.23
C ASP A 394 -17.11 15.34 15.80
N GLY A 395 -16.09 15.71 15.04
CA GLY A 395 -16.26 16.09 13.66
C GLY A 395 -16.79 17.47 13.41
N VAL A 396 -16.96 18.30 14.45
CA VAL A 396 -17.44 19.67 14.28
CA VAL A 396 -17.45 19.67 14.29
C VAL A 396 -16.63 20.64 15.12
N THR A 397 -16.38 20.29 16.38
CA THR A 397 -15.64 21.19 17.27
C THR A 397 -14.23 21.43 16.75
N ASP A 398 -13.78 22.67 16.84
CA ASP A 398 -12.42 23.02 16.47
C ASP A 398 -11.48 22.43 17.51
N ASP A 399 -10.72 21.40 17.15
CA ASP A 399 -9.83 20.72 18.08
C ASP A 399 -8.39 21.18 17.97
N THR A 400 -8.12 22.21 17.16
CA THR A 400 -6.75 22.61 16.85
C THR A 400 -5.96 22.94 18.12
N ASP A 401 -6.50 23.81 18.97
CA ASP A 401 -5.73 24.28 20.12
C ASP A 401 -5.49 23.16 21.13
N ALA A 402 -6.49 22.29 21.34
CA ALA A 402 -6.31 21.19 22.25
C ALA A 402 -5.22 20.24 21.75
N ILE A 403 -5.23 19.94 20.46
CA ILE A 403 -4.21 19.06 19.90
CA ILE A 403 -4.20 19.05 19.91
C ILE A 403 -2.83 19.72 19.99
N GLN A 404 -2.75 21.01 19.67
CA GLN A 404 -1.47 21.70 19.74
C GLN A 404 -0.91 21.68 21.15
N ALA A 405 -1.77 21.87 22.16
CA ALA A 405 -1.30 21.88 23.54
C ALA A 405 -0.80 20.50 23.96
N ILE A 406 -1.45 19.42 23.50
CA ILE A 406 -0.93 18.07 23.74
C ILE A 406 0.44 17.92 23.10
N PHE A 407 0.56 18.30 21.82
CA PHE A 407 1.82 18.13 21.12
C PHE A 407 2.93 18.94 21.78
N ASP A 408 2.60 20.13 22.31
CA ASP A 408 3.60 21.00 22.93
C ASP A 408 4.10 20.45 24.26
N SER A 409 3.29 19.63 24.94
CA SER A 409 3.61 19.19 26.29
C SER A 409 4.02 17.73 26.40
N VAL A 410 3.66 16.86 25.45
CA VAL A 410 3.96 15.44 25.59
CA VAL A 410 3.97 15.44 25.58
C VAL A 410 5.47 15.23 25.66
N THR A 411 5.89 14.34 26.56
CA THR A 411 7.31 14.04 26.74
C THR A 411 7.71 12.87 25.85
N PRO A 412 9.00 12.71 25.56
CA PRO A 412 9.41 11.66 24.62
C PRO A 412 9.12 10.25 25.09
N GLU A 413 8.98 10.00 26.38
CA GLU A 413 8.60 8.67 26.84
C GLU A 413 7.11 8.39 26.70
N GLN A 414 6.30 9.40 26.39
CA GLN A 414 4.88 9.21 26.22
C GLN A 414 4.54 9.00 24.75
N ILE A 415 3.31 8.57 24.49
CA ILE A 415 2.78 8.39 23.15
C ILE A 415 1.42 9.06 23.10
N VAL A 416 1.21 9.94 22.10
CA VAL A 416 -0.09 10.55 21.91
C VAL A 416 -1.02 9.53 21.29
N TYR A 417 -2.20 9.36 21.88
CA TYR A 417 -3.17 8.36 21.44
C TYR A 417 -4.40 9.08 20.92
N PHE A 418 -4.64 8.97 19.62
CA PHE A 418 -5.85 9.51 19.01
C PHE A 418 -6.96 8.49 19.15
N ASP A 419 -7.79 8.66 20.19
CA ASP A 419 -9.04 7.92 20.28
C ASP A 419 -9.81 8.08 18.98
N HIS A 420 -10.56 7.05 18.62
CA HIS A 420 -11.28 7.15 17.37
C HIS A 420 -12.29 8.30 17.41
N GLY A 421 -12.33 9.04 16.32
CA GLY A 421 -13.21 10.18 16.18
C GLY A 421 -12.83 10.93 14.92
N ALA A 422 -13.28 12.17 14.82
CA ALA A 422 -12.91 13.04 13.71
C ALA A 422 -12.51 14.38 14.32
N TYR A 423 -11.29 14.80 14.06
CA TYR A 423 -10.69 15.95 14.74
C TYR A 423 -10.55 17.08 13.72
N ILE A 424 -11.30 18.17 13.93
CA ILE A 424 -11.30 19.28 13.00
C ILE A 424 -10.11 20.21 13.30
N ILE A 425 -9.30 20.48 12.28
CA ILE A 425 -8.11 21.31 12.36
C ILE A 425 -8.35 22.53 11.48
N THR A 426 -8.24 23.74 12.04
CA THR A 426 -8.61 24.94 11.31
C THR A 426 -7.45 25.88 11.01
N LYS A 427 -6.26 25.55 11.50
CA LYS A 427 -5.02 26.26 11.17
C LYS A 427 -3.88 25.28 11.38
N THR A 428 -2.69 25.68 10.97
CA THR A 428 -1.54 24.78 11.03
C THR A 428 -1.32 24.26 12.44
N VAL A 429 -1.11 22.95 12.55
CA VAL A 429 -0.66 22.30 13.78
C VAL A 429 0.82 22.00 13.62
N ARG A 430 1.62 22.45 14.58
CA ARG A 430 3.06 22.21 14.57
C ARG A 430 3.37 20.95 15.37
N VAL A 431 3.91 19.94 14.69
CA VAL A 431 4.31 18.71 15.34
C VAL A 431 5.77 18.87 15.75
N PRO A 432 6.14 18.64 17.01
CA PRO A 432 7.54 18.80 17.42
C PRO A 432 8.38 17.65 16.88
N PRO A 433 9.71 17.82 16.85
CA PRO A 433 10.58 16.81 16.22
C PRO A 433 10.82 15.57 17.07
N ASN A 434 10.24 15.47 18.26
CA ASN A 434 10.31 14.26 19.08
C ASN A 434 8.92 13.96 19.60
N ILE A 435 8.26 12.98 18.96
CA ILE A 435 6.89 12.63 19.34
C ILE A 435 6.55 11.29 18.71
N ARG A 436 5.68 10.55 19.39
CA ARG A 436 5.09 9.34 18.84
C ARG A 436 3.58 9.47 18.96
N ILE A 437 2.89 9.10 17.88
CA ILE A 437 1.45 9.27 17.77
C ILE A 437 0.88 7.99 17.18
N THR A 438 -0.20 7.47 17.78
CA THR A 438 -0.84 6.28 17.25
C THR A 438 -2.33 6.41 17.43
N GLY A 439 -3.09 5.86 16.49
CA GLY A 439 -4.53 6.03 16.45
C GLY A 439 -5.32 4.78 16.73
N GLU A 440 -6.54 4.95 17.23
CA GLU A 440 -7.48 3.86 17.47
C GLU A 440 -8.25 3.61 16.18
N ALA A 441 -7.82 2.61 15.41
CA ALA A 441 -8.52 2.15 14.20
C ALA A 441 -8.82 3.31 13.25
N LEU A 442 -7.77 3.99 12.80
CA LEU A 442 -7.88 5.00 11.75
C LEU A 442 -8.79 6.19 12.10
N PRO A 443 -8.56 6.88 13.21
CA PRO A 443 -9.28 8.14 13.44
C PRO A 443 -9.02 9.12 12.30
N LEU A 444 -9.96 10.04 12.11
CA LEU A 444 -9.88 11.05 11.07
C LEU A 444 -9.35 12.36 11.64
N ILE A 445 -8.36 12.93 10.96
CA ILE A 445 -7.86 14.28 11.24
CA ILE A 445 -7.87 14.28 11.25
C ILE A 445 -8.18 15.10 10.01
N LEU A 446 -9.09 16.06 10.13
CA LEU A 446 -9.68 16.73 8.98
C LEU A 446 -9.36 18.22 8.97
N ALA A 447 -8.78 18.69 7.89
CA ALA A 447 -8.63 20.13 7.68
C ALA A 447 -9.98 20.73 7.38
N GLY A 448 -10.40 21.68 8.21
CA GLY A 448 -11.70 22.30 8.06
C GLY A 448 -11.61 23.80 8.18
N GLY A 449 -12.75 24.45 8.42
CA GLY A 449 -12.80 25.88 8.48
C GLY A 449 -13.24 26.50 7.18
N ASP A 450 -13.38 27.82 7.21
CA ASP A 450 -13.94 28.56 6.09
C ASP A 450 -12.98 29.53 5.43
N SER A 451 -11.69 29.54 5.80
CA SER A 451 -10.79 30.53 5.23
CA SER A 451 -10.79 30.53 5.23
C SER A 451 -9.33 30.07 5.18
N PHE A 452 -8.82 29.53 6.29
CA PHE A 452 -7.38 29.36 6.43
C PHE A 452 -6.79 28.47 5.34
N PHE A 453 -7.48 27.38 4.98
CA PHE A 453 -6.99 26.44 3.99
C PHE A 453 -7.69 26.58 2.64
N LYS A 454 -8.30 27.74 2.37
CA LYS A 454 -9.16 27.87 1.20
C LYS A 454 -8.46 28.45 -0.02
N ASP A 455 -7.22 28.92 0.10
CA ASP A 455 -6.60 29.75 -0.93
C ASP A 455 -5.45 28.99 -1.60
N GLN A 456 -5.70 28.46 -2.80
CA GLN A 456 -4.63 27.75 -3.50
C GLN A 456 -3.46 28.66 -3.85
N ALA A 457 -3.69 29.98 -3.92
CA ALA A 457 -2.58 30.89 -4.18
C ALA A 457 -1.68 31.08 -2.96
N ASN A 458 -2.15 30.71 -1.77
CA ASN A 458 -1.39 30.86 -0.53
C ASN A 458 -1.64 29.64 0.35
N PRO A 459 -1.09 28.49 -0.04
CA PRO A 459 -1.39 27.25 0.68
C PRO A 459 -0.66 27.19 2.01
N LYS A 460 -1.21 26.40 2.93
CA LYS A 460 -0.69 26.30 4.29
CA LYS A 460 -0.70 26.30 4.29
C LYS A 460 -0.69 24.83 4.73
N PRO A 461 0.30 24.43 5.53
CA PRO A 461 0.33 23.05 6.03
C PRO A 461 -0.74 22.81 7.09
N VAL A 462 -1.32 21.60 7.05
CA VAL A 462 -2.26 21.17 8.08
C VAL A 462 -1.50 20.63 9.28
N PHE A 463 -0.73 19.55 9.07
CA PHE A 463 0.28 19.12 10.03
C PHE A 463 1.64 19.50 9.49
N GLN A 464 2.36 20.33 10.25
CA GLN A 464 3.74 20.71 9.91
C GLN A 464 4.65 19.89 10.81
N VAL A 465 5.35 18.91 10.23
CA VAL A 465 6.07 17.91 11.01
C VAL A 465 7.51 18.38 11.16
N GLY A 466 7.81 18.93 12.34
CA GLY A 466 9.07 19.57 12.59
C GLY A 466 9.19 20.91 11.89
N GLN A 467 10.17 21.66 12.27
CA GLN A 467 10.51 22.87 11.55
C GLN A 467 11.70 22.60 10.65
N PRO A 468 11.90 23.43 9.62
CA PRO A 468 12.98 23.15 8.66
C PRO A 468 14.33 22.95 9.35
N GLY A 469 15.05 21.91 8.93
CA GLY A 469 16.36 21.61 9.43
C GLY A 469 16.43 20.80 10.72
N GLU A 470 15.29 20.52 11.35
CA GLU A 470 15.29 19.79 12.60
C GLU A 470 15.47 18.29 12.39
N ARG A 471 16.10 17.65 13.37
CA ARG A 471 16.29 16.21 13.40
C ARG A 471 15.67 15.67 14.69
N GLY A 472 15.17 14.45 14.63
CA GLY A 472 14.56 13.88 15.80
C GLY A 472 13.95 12.52 15.54
N ARG A 473 12.94 12.18 16.33
CA ARG A 473 12.27 10.89 16.28
CA ARG A 473 12.27 10.89 16.28
C ARG A 473 10.78 11.16 16.28
N VAL A 474 10.13 10.95 15.14
CA VAL A 474 8.71 11.20 14.95
C VAL A 474 8.11 9.94 14.33
N GLU A 475 7.17 9.33 15.03
CA GLU A 475 6.49 8.14 14.52
C GLU A 475 4.99 8.39 14.56
N MET A 476 4.32 8.14 13.44
CA MET A 476 2.85 8.15 13.42
C MET A 476 2.35 6.84 12.83
N SER A 477 1.25 6.33 13.38
CA SER A 477 0.67 5.09 12.88
C SER A 477 -0.84 5.08 13.09
N ASP A 478 -1.56 4.49 12.13
CA ASP A 478 -2.98 4.19 12.27
C ASP A 478 -3.82 5.47 12.30
N LEU A 479 -3.70 6.29 11.26
CA LEU A 479 -4.40 7.57 11.18
C LEU A 479 -4.84 7.82 9.74
N ILE A 480 -5.89 8.63 9.60
CA ILE A 480 -6.31 9.14 8.28
C ILE A 480 -6.37 10.66 8.33
N PHE A 481 -5.74 11.30 7.35
CA PHE A 481 -5.83 12.74 7.14
C PHE A 481 -6.76 13.03 5.97
N GLY A 482 -7.66 14.01 6.14
CA GLY A 482 -8.58 14.37 5.08
C GLY A 482 -9.03 15.81 5.18
N THR A 483 -10.03 16.20 4.38
CA THR A 483 -10.60 17.53 4.48
C THR A 483 -12.09 17.45 4.83
N ALA A 484 -12.55 18.47 5.55
CA ALA A 484 -13.97 18.68 5.82
C ALA A 484 -14.38 19.82 4.89
N GLY A 485 -15.02 19.46 3.78
CA GLY A 485 -15.29 20.39 2.70
C GLY A 485 -14.06 20.64 1.85
N PRO A 486 -14.22 21.44 0.81
CA PRO A 486 -13.08 21.77 -0.06
C PRO A 486 -12.07 22.62 0.68
N GLN A 487 -10.79 22.29 0.54
CA GLN A 487 -9.71 23.03 1.19
C GLN A 487 -8.53 23.11 0.23
N PRO A 488 -8.69 23.82 -0.88
CA PRO A 488 -7.68 23.77 -1.95
C PRO A 488 -6.38 24.48 -1.64
N GLY A 489 -6.26 25.13 -0.47
CA GLY A 489 -4.99 25.59 0.05
C GLY A 489 -4.32 24.67 1.05
N ALA A 490 -4.90 23.51 1.34
CA ALA A 490 -4.34 22.66 2.38
C ALA A 490 -3.19 21.81 1.84
N ILE A 491 -2.02 21.92 2.48
CA ILE A 491 -0.92 20.98 2.31
C ILE A 491 -1.07 20.02 3.48
N MET A 492 -1.58 18.82 3.22
CA MET A 492 -2.04 17.97 4.32
C MET A 492 -0.94 17.67 5.31
N MET A 493 0.25 17.32 4.83
CA MET A 493 1.38 17.07 5.71
C MET A 493 2.63 17.65 5.07
N GLU A 494 3.30 18.53 5.80
CA GLU A 494 4.58 19.09 5.38
C GLU A 494 5.63 18.46 6.28
N TRP A 495 6.52 17.66 5.70
CA TRP A 495 7.48 16.85 6.45
C TRP A 495 8.84 17.52 6.40
N ASN A 496 9.18 18.26 7.46
CA ASN A 496 10.45 18.96 7.55
C ASN A 496 11.50 18.18 8.34
N VAL A 497 11.08 17.40 9.33
CA VAL A 497 12.02 16.72 10.22
C VAL A 497 12.78 15.64 9.45
N ALA A 498 13.99 15.35 9.94
CA ALA A 498 14.77 14.21 9.48
C ALA A 498 14.99 13.29 10.67
N GLY A 499 14.97 11.98 10.42
CA GLY A 499 15.21 11.03 11.50
C GLY A 499 16.64 11.10 12.00
N MET A 500 16.80 10.93 13.32
CA MET A 500 18.14 10.83 13.89
C MET A 500 18.89 9.63 13.36
N GLU A 501 18.16 8.57 13.01
CA GLU A 501 18.67 7.34 12.44
CA GLU A 501 18.69 7.36 12.41
C GLU A 501 17.63 6.83 11.47
N PRO A 502 17.99 5.93 10.55
CA PRO A 502 16.97 5.41 9.62
C PRO A 502 15.79 4.82 10.36
N GLY A 503 14.59 5.18 9.89
CA GLY A 503 13.38 4.68 10.49
C GLY A 503 12.89 5.43 11.71
N ALA A 504 13.69 6.38 12.23
CA ALA A 504 13.26 7.12 13.42
C ALA A 504 12.20 8.15 13.11
N ALA A 505 12.02 8.52 11.85
CA ALA A 505 11.00 9.48 11.44
C ALA A 505 10.17 8.83 10.35
N GLY A 506 8.90 8.57 10.63
CA GLY A 506 8.14 7.91 9.59
C GLY A 506 6.66 7.77 9.88
N LEU A 507 5.98 7.14 8.92
CA LEU A 507 4.54 6.93 8.90
C LEU A 507 4.26 5.46 8.55
N TRP A 508 3.38 4.83 9.33
CA TRP A 508 3.01 3.43 9.14
C TRP A 508 1.49 3.31 9.21
N ASP A 509 0.86 2.87 8.13
CA ASP A 509 -0.60 2.74 8.11
C ASP A 509 -1.23 4.11 8.38
N VAL A 510 -0.75 5.11 7.65
CA VAL A 510 -1.22 6.48 7.74
C VAL A 510 -1.60 6.92 6.33
N HIS A 511 -2.85 7.27 6.15
CA HIS A 511 -3.42 7.47 4.82
C HIS A 511 -3.99 8.87 4.71
N THR A 512 -3.97 9.39 3.50
CA THR A 512 -4.62 10.66 3.20
C THR A 512 -5.76 10.36 2.25
N ARG A 513 -6.98 10.68 2.67
CA ARG A 513 -8.18 10.25 1.98
C ARG A 513 -8.96 11.53 1.71
N ILE A 514 -8.93 11.98 0.46
CA ILE A 514 -9.48 13.28 0.09
C ILE A 514 -10.82 13.03 -0.60
N GLY A 515 -11.92 13.30 0.12
CA GLY A 515 -13.25 13.16 -0.43
C GLY A 515 -13.78 11.73 -0.36
N GLY A 516 -15.08 11.61 -0.63
CA GLY A 516 -15.72 10.34 -0.89
C GLY A 516 -16.47 9.73 0.27
N TYR A 517 -16.30 10.25 1.49
CA TYR A 517 -16.82 9.55 2.66
C TYR A 517 -17.51 10.52 3.61
N ALA A 518 -18.25 9.94 4.56
CA ALA A 518 -19.02 10.73 5.51
C ALA A 518 -18.10 11.60 6.34
N GLY A 519 -18.42 12.90 6.41
CA GLY A 519 -17.63 13.90 7.08
C GLY A 519 -16.88 14.81 6.14
N THR A 520 -16.69 14.42 4.88
CA THR A 520 -15.95 15.24 3.94
C THR A 520 -16.80 16.28 3.24
N GLN A 521 -18.11 16.09 3.17
CA GLN A 521 -18.99 16.92 2.33
C GLN A 521 -18.65 16.80 0.85
N LEU A 522 -17.89 15.77 0.49
CA LEU A 522 -17.45 15.53 -0.88
C LEU A 522 -17.95 14.15 -1.30
N GLU A 523 -19.26 14.02 -1.38
CA GLU A 523 -19.89 12.73 -1.61
C GLU A 523 -20.72 12.77 -2.89
N LEU A 524 -21.54 11.73 -3.08
CA LEU A 524 -22.31 11.64 -4.33
C LEU A 524 -23.25 12.81 -4.51
N GLU A 525 -23.86 13.29 -3.42
CA GLU A 525 -24.81 14.39 -3.50
C GLU A 525 -24.15 15.64 -4.07
N GLN A 526 -22.91 15.91 -3.67
CA GLN A 526 -22.24 17.15 -4.05
C GLN A 526 -21.45 17.02 -5.34
N CYS A 527 -20.90 15.84 -5.65
CA CYS A 527 -19.82 15.75 -6.62
C CYS A 527 -20.01 14.66 -7.68
N ALA A 528 -21.25 14.22 -7.92
CA ALA A 528 -21.49 13.18 -8.92
C ALA A 528 -20.91 13.60 -10.27
N LYS A 529 -20.31 12.65 -10.98
CA LYS A 529 -19.75 12.94 -12.29
C LYS A 529 -20.84 13.33 -13.28
N ASN A 530 -20.45 14.04 -14.34
CA ASN A 530 -21.31 14.23 -15.50
C ASN A 530 -20.45 14.40 -16.74
N PRO A 531 -20.06 13.30 -17.37
CA PRO A 531 -19.19 13.39 -18.54
C PRO A 531 -19.86 13.98 -19.77
N ASN A 532 -21.17 14.17 -19.76
CA ASN A 532 -21.92 14.59 -20.93
C ASN A 532 -21.92 16.10 -21.13
N ILE A 533 -21.32 16.87 -20.22
CA ILE A 533 -21.20 18.32 -20.34
C ILE A 533 -19.75 18.69 -20.10
N THR A 534 -19.38 19.91 -20.47
CA THR A 534 -18.11 20.44 -20.02
C THR A 534 -18.15 20.61 -18.51
N ASN A 535 -17.15 20.07 -17.83
CA ASN A 535 -17.19 20.03 -16.37
C ASN A 535 -17.23 21.44 -15.80
N PRO A 536 -18.19 21.77 -14.93
CA PRO A 536 -18.19 23.10 -14.30
C PRO A 536 -17.07 23.28 -13.28
N ILE A 537 -16.40 22.20 -12.87
CA ILE A 537 -15.38 22.23 -11.83
C ILE A 537 -15.94 22.91 -10.58
N LYS A 538 -16.95 22.30 -9.98
CA LYS A 538 -17.66 22.91 -8.86
C LYS A 538 -16.68 23.24 -7.74
N PRO A 539 -16.68 24.48 -7.24
CA PRO A 539 -15.84 24.80 -6.07
C PRO A 539 -16.10 23.89 -4.89
N GLU A 540 -17.34 23.42 -4.71
CA GLU A 540 -17.66 22.55 -3.60
C GLU A 540 -17.00 21.19 -3.71
N CYS A 541 -16.34 20.89 -4.83
CA CYS A 541 -15.74 19.58 -5.05
C CYS A 541 -14.23 19.61 -5.12
N PHE A 542 -13.60 20.72 -4.75
CA PHE A 542 -12.15 20.73 -4.64
C PHE A 542 -11.72 19.91 -3.42
N GLY A 543 -10.50 19.36 -3.50
CA GLY A 543 -9.90 18.63 -2.40
C GLY A 543 -8.84 19.45 -1.70
N SER A 544 -7.59 18.98 -1.68
CA SER A 544 -6.48 19.69 -1.06
C SER A 544 -5.52 20.19 -2.13
N PHE A 545 -4.52 20.96 -1.67
CA PHE A 545 -3.47 21.46 -2.55
C PHE A 545 -2.44 20.39 -2.85
N LEU A 546 -2.03 19.64 -1.82
CA LEU A 546 -0.90 18.72 -1.91
C LEU A 546 -1.01 17.79 -0.71
N MET A 547 -0.91 16.48 -0.94
CA MET A 547 -1.13 15.54 0.17
C MET A 547 0.10 15.38 1.05
N LEU A 548 1.30 15.24 0.47
CA LEU A 548 2.52 15.12 1.27
C LEU A 548 3.61 15.94 0.60
N HIS A 549 4.31 16.75 1.39
CA HIS A 549 5.47 17.51 0.92
C HIS A 549 6.64 17.18 1.84
N VAL A 550 7.60 16.40 1.34
CA VAL A 550 8.88 16.25 2.02
C VAL A 550 9.75 17.40 1.53
N THR A 551 10.01 18.36 2.40
CA THR A 551 10.71 19.58 2.02
C THR A 551 12.21 19.33 2.05
N PRO A 552 13.00 20.25 1.50
CA PRO A 552 14.46 20.05 1.53
C PRO A 552 14.97 19.90 2.95
N GLY A 553 15.67 18.79 3.19
CA GLY A 553 16.14 18.46 4.52
C GLY A 553 15.26 17.48 5.27
N GLY A 554 13.99 17.33 4.85
CA GLY A 554 13.15 16.33 5.46
C GLY A 554 13.57 14.93 5.07
N SER A 555 13.34 13.97 5.98
CA SER A 555 13.68 12.59 5.73
C SER A 555 12.63 11.73 6.42
N ALA A 556 12.02 10.80 5.67
CA ALA A 556 10.87 10.05 6.17
C ALA A 556 10.94 8.61 5.67
N TYR A 557 10.45 7.70 6.52
CA TYR A 557 10.23 6.31 6.17
C TYR A 557 8.73 6.10 6.11
N LEU A 558 8.21 5.76 4.93
CA LEU A 558 6.78 5.59 4.70
C LEU A 558 6.52 4.12 4.41
N GLU A 559 5.54 3.53 5.08
CA GLU A 559 5.21 2.12 4.79
C GLU A 559 3.73 1.90 4.99
N ASN A 560 3.05 1.46 3.92
CA ASN A 560 1.59 1.36 3.87
C ASN A 560 0.96 2.74 4.10
N THR A 561 1.11 3.59 3.09
CA THR A 561 0.56 4.94 3.10
C THR A 561 -0.12 5.17 1.75
N TRP A 562 -1.45 5.28 1.78
CA TRP A 562 -2.25 5.48 0.59
C TRP A 562 -2.68 6.94 0.53
N TYR A 563 -2.24 7.63 -0.52
CA TYR A 563 -2.58 9.02 -0.79
C TYR A 563 -3.65 8.98 -1.88
N TRP A 564 -4.92 9.08 -1.48
CA TRP A 564 -6.04 8.77 -2.37
C TRP A 564 -6.98 9.96 -2.46
N VAL A 565 -7.20 10.43 -3.69
CA VAL A 565 -8.26 11.35 -3.99
C VAL A 565 -9.43 10.54 -4.52
N ALA A 566 -10.61 10.74 -3.93
CA ALA A 566 -11.71 9.84 -4.21
C ALA A 566 -12.10 9.86 -5.68
N ASP A 567 -12.17 8.67 -6.28
CA ASP A 567 -12.81 8.48 -7.58
C ASP A 567 -14.27 8.05 -7.43
N HIS A 568 -14.67 7.57 -6.26
CA HIS A 568 -16.04 7.10 -6.07
C HIS A 568 -16.40 7.26 -4.61
N ALA A 569 -17.71 7.23 -4.35
CA ALA A 569 -18.24 7.43 -3.02
C ALA A 569 -18.22 6.12 -2.23
N LEU A 570 -17.84 6.24 -0.95
CA LEU A 570 -17.54 5.09 -0.11
C LEU A 570 -18.66 4.67 0.83
N GLU A 571 -19.69 5.49 1.03
CA GLU A 571 -20.73 5.02 1.93
C GLU A 571 -21.73 4.15 1.18
N PRO A 572 -22.46 3.27 1.88
CA PRO A 572 -23.18 2.20 1.16
C PRO A 572 -24.31 2.69 0.29
N GLU A 573 -24.97 3.79 0.65
CA GLU A 573 -26.09 4.28 -0.13
C GLU A 573 -25.68 4.68 -1.54
N ALA A 574 -24.40 5.00 -1.74
CA ALA A 574 -23.93 5.47 -3.04
C ALA A 574 -23.67 4.34 -4.01
N ARG A 575 -23.58 3.10 -3.54
CA ARG A 575 -23.35 1.94 -4.42
C ARG A 575 -22.15 2.15 -5.34
N ASP A 576 -21.08 2.70 -4.78
CA ASP A 576 -19.79 2.86 -5.46
C ASP A 576 -19.82 3.85 -6.64
N GLN A 577 -20.83 4.71 -6.72
CA GLN A 577 -20.93 5.60 -7.87
C GLN A 577 -19.82 6.65 -7.89
N GLN A 578 -19.45 7.07 -9.09
CA GLN A 578 -18.26 7.88 -9.31
C GLN A 578 -18.51 9.36 -9.10
N ILE A 579 -17.48 10.03 -8.58
CA ILE A 579 -17.52 11.45 -8.25
C ILE A 579 -16.26 12.13 -8.76
N ASP A 580 -16.36 13.46 -8.91
CA ASP A 580 -15.22 14.30 -9.26
C ASP A 580 -14.76 15.06 -8.02
N VAL A 581 -13.52 14.85 -7.62
CA VAL A 581 -12.87 15.61 -6.55
C VAL A 581 -11.55 16.13 -7.12
N PHE A 582 -11.32 17.44 -6.99
CA PHE A 582 -10.18 18.11 -7.64
C PHE A 582 -9.09 18.41 -6.61
N ASN A 583 -8.06 17.58 -6.60
CA ASN A 583 -6.94 17.68 -5.67
C ASN A 583 -5.69 17.97 -6.47
N GLY A 584 -4.95 19.02 -6.09
CA GLY A 584 -3.87 19.48 -6.96
C GLY A 584 -2.77 18.46 -7.20
N ARG A 585 -2.22 17.91 -6.12
CA ARG A 585 -0.93 17.23 -6.18
C ARG A 585 -0.91 16.12 -5.14
N GLY A 586 -0.20 15.05 -5.47
CA GLY A 586 -0.10 13.91 -4.57
C GLY A 586 1.03 14.01 -3.57
N VAL A 587 2.20 13.51 -3.95
CA VAL A 587 3.38 13.42 -3.10
C VAL A 587 4.51 14.18 -3.80
N LEU A 588 5.09 15.15 -3.10
CA LEU A 588 6.20 15.94 -3.61
C LEU A 588 7.38 15.73 -2.66
N ILE A 589 8.51 15.28 -3.21
CA ILE A 589 9.72 15.02 -2.42
C ILE A 589 10.85 15.88 -2.95
N GLU A 590 11.50 16.61 -2.05
CA GLU A 590 12.63 17.48 -2.38
C GLU A 590 13.77 17.22 -1.41
N GLY A 591 14.98 17.63 -1.82
CA GLY A 591 16.13 17.56 -0.94
C GLY A 591 16.79 16.19 -0.88
N ASP A 592 17.78 16.09 -0.01
CA ASP A 592 18.64 14.92 0.07
C ASP A 592 18.11 13.79 0.93
N GLY A 593 16.94 13.94 1.53
CA GLY A 593 16.33 12.85 2.28
C GLY A 593 17.24 12.27 3.35
N PRO A 594 17.29 10.94 3.45
CA PRO A 594 16.66 9.95 2.56
C PRO A 594 15.15 9.85 2.72
N VAL A 595 14.48 9.31 1.70
CA VAL A 595 13.07 8.95 1.80
C VAL A 595 12.95 7.49 1.36
N TRP A 596 12.31 6.68 2.19
CA TRP A 596 11.92 5.32 1.82
C TRP A 596 10.40 5.28 1.73
N GLY A 597 9.88 4.58 0.73
CA GLY A 597 8.46 4.34 0.66
C GLY A 597 8.18 2.90 0.25
N TRP A 598 7.66 2.11 1.18
CA TRP A 598 7.35 0.70 0.95
C TRP A 598 5.83 0.54 0.88
N GLY A 599 5.33 0.09 -0.26
CA GLY A 599 3.89 -0.09 -0.35
C GLY A 599 3.11 1.21 -0.28
N THR A 600 3.62 2.27 -0.90
CA THR A 600 2.88 3.51 -1.02
C THR A 600 2.10 3.54 -2.34
N SER A 601 1.06 4.36 -2.36
CA SER A 601 0.21 4.55 -3.53
C SER A 601 -0.26 6.00 -3.52
N SER A 602 -0.36 6.61 -4.71
CA SER A 602 -0.81 7.99 -4.82
C SER A 602 -1.71 8.09 -6.05
N GLU A 603 -2.99 8.42 -5.84
CA GLU A 603 -3.95 8.28 -6.92
C GLU A 603 -4.90 9.47 -7.07
N HIS A 604 -5.11 9.87 -8.31
CA HIS A 604 -6.20 10.74 -8.76
C HIS A 604 -5.99 12.22 -8.47
N SER A 605 -4.73 12.67 -8.37
CA SER A 605 -4.48 14.11 -8.33
C SER A 605 -4.39 14.68 -9.75
N VAL A 606 -4.58 16.00 -9.84
CA VAL A 606 -4.72 16.67 -11.13
C VAL A 606 -3.38 16.81 -11.85
N LEU A 607 -2.36 17.30 -11.14
CA LEU A 607 -1.09 17.66 -11.78
C LEU A 607 -0.09 16.52 -11.81
N HIS A 608 0.11 15.87 -10.66
CA HIS A 608 1.01 14.72 -10.56
C HIS A 608 0.60 13.91 -9.35
N ASN A 609 0.95 12.64 -9.40
CA ASN A 609 0.76 11.73 -8.28
C ASN A 609 2.02 11.59 -7.43
N TYR A 610 3.18 11.41 -8.04
CA TYR A 610 4.47 11.52 -7.37
C TYR A 610 5.34 12.49 -8.15
N GLN A 611 6.03 13.39 -7.45
CA GLN A 611 7.01 14.25 -8.07
C GLN A 611 8.22 14.39 -7.16
N PHE A 612 9.40 14.29 -7.76
CA PHE A 612 10.67 14.51 -7.08
C PHE A 612 11.29 15.75 -7.70
N ASN A 613 11.65 16.73 -6.88
CA ASN A 613 12.22 17.97 -7.38
C ASN A 613 13.50 18.27 -6.61
N ASN A 614 14.62 18.35 -7.32
CA ASN A 614 15.92 18.59 -6.67
C ASN A 614 16.15 17.60 -5.53
N ALA A 615 15.83 16.34 -5.78
CA ALA A 615 15.82 15.32 -4.76
C ALA A 615 16.99 14.36 -4.96
N ARG A 616 17.44 13.77 -3.85
CA ARG A 616 18.41 12.70 -3.87
C ARG A 616 18.04 11.69 -2.78
N ASN A 617 18.47 10.45 -2.98
CA ASN A 617 18.36 9.40 -1.97
C ASN A 617 16.91 9.02 -1.65
N VAL A 618 16.20 8.59 -2.68
CA VAL A 618 14.81 8.18 -2.58
C VAL A 618 14.75 6.73 -3.00
N PHE A 619 14.11 5.90 -2.18
CA PHE A 619 13.90 4.49 -2.50
C PHE A 619 12.42 4.20 -2.35
N LEU A 620 11.78 3.74 -3.43
CA LEU A 620 10.35 3.41 -3.42
C LEU A 620 10.16 2.01 -3.99
N ALA A 621 9.35 1.20 -3.30
CA ALA A 621 9.10 -0.16 -3.76
C ALA A 621 7.83 -0.72 -3.15
N LEU A 622 6.88 -1.21 -3.96
CA LEU A 622 6.64 -0.71 -5.31
C LEU A 622 5.70 0.51 -5.14
N ILE A 623 5.48 1.26 -6.23
CA ILE A 623 4.58 2.39 -6.22
C ILE A 623 3.42 2.11 -7.16
N GLN A 624 2.35 2.88 -6.99
CA GLN A 624 1.17 2.69 -7.81
C GLN A 624 0.43 4.01 -7.90
N THR A 625 -0.04 4.35 -9.11
CA THR A 625 -0.76 5.59 -9.37
C THR A 625 -1.93 5.33 -10.30
N GLU A 626 -2.88 6.27 -10.29
CA GLU A 626 -3.94 6.36 -11.29
C GLU A 626 -4.19 7.83 -11.62
N THR A 627 -4.47 8.10 -12.88
CA THR A 627 -4.94 9.41 -13.30
C THR A 627 -6.39 9.59 -12.84
N PRO A 628 -6.79 10.80 -12.47
CA PRO A 628 -8.21 11.01 -12.11
C PRO A 628 -9.09 10.74 -13.32
N TYR A 629 -10.24 10.13 -13.08
CA TYR A 629 -11.03 9.55 -14.17
C TYR A 629 -11.74 10.62 -15.00
N PHE A 630 -11.89 11.83 -14.45
CA PHE A 630 -12.56 12.89 -15.19
C PHE A 630 -11.68 13.48 -16.30
N GLN A 631 -10.36 13.41 -16.18
CA GLN A 631 -9.51 14.00 -17.22
C GLN A 631 -9.77 13.29 -18.55
N GLY A 632 -9.88 13.99 -19.68
CA GLY A 632 -9.56 15.41 -19.82
C GLY A 632 -10.71 16.39 -19.80
N ASN A 633 -11.69 16.13 -18.94
CA ASN A 633 -12.84 17.01 -18.75
C ASN A 633 -13.01 17.29 -17.24
N PRO A 634 -12.18 18.18 -16.67
CA PRO A 634 -11.18 19.04 -17.32
C PRO A 634 -9.81 18.38 -17.46
N ASP A 635 -8.99 18.94 -18.34
CA ASP A 635 -7.62 18.47 -18.49
C ASP A 635 -6.76 18.97 -17.33
N ALA A 636 -5.51 18.53 -17.30
CA ALA A 636 -4.65 18.73 -16.13
C ALA A 636 -4.27 20.20 -15.90
N THR A 637 -4.51 21.09 -16.85
CA THR A 637 -4.22 22.51 -16.61
C THR A 637 -5.19 23.16 -15.64
N GLN A 638 -6.31 22.51 -15.32
CA GLN A 638 -7.30 23.06 -14.39
C GLN A 638 -7.63 22.04 -13.31
N PRO A 639 -8.01 22.50 -12.11
CA PRO A 639 -8.22 23.90 -11.72
C PRO A 639 -7.10 24.47 -10.86
N PHE A 640 -5.91 23.87 -10.87
CA PHE A 640 -4.80 24.37 -10.07
C PHE A 640 -3.80 25.11 -10.93
N THR A 641 -3.61 26.39 -10.62
CA THR A 641 -2.65 27.24 -11.30
CA THR A 641 -2.66 27.18 -11.37
C THR A 641 -1.24 26.72 -11.11
N VAL A 642 -0.39 26.90 -12.12
CA VAL A 642 1.02 26.52 -12.02
C VAL A 642 1.69 27.38 -10.96
N ASN A 643 2.25 26.73 -9.95
CA ASN A 643 2.96 27.43 -8.87
C ASN A 643 4.41 26.98 -8.88
N PRO A 644 5.36 27.82 -9.30
CA PRO A 644 6.77 27.39 -9.36
C PRO A 644 7.37 27.09 -8.00
N ASN A 645 6.75 27.55 -6.90
CA ASN A 645 7.26 27.20 -5.57
C ASN A 645 7.14 25.72 -5.28
N PHE A 646 6.32 25.00 -6.04
CA PHE A 646 6.18 23.55 -5.93
C PHE A 646 6.66 22.86 -7.18
N ALA A 647 7.37 23.58 -8.06
CA ALA A 647 7.84 23.05 -9.34
C ALA A 647 6.71 22.38 -10.12
N ASP A 648 5.55 23.05 -10.16
CA ASP A 648 4.39 22.42 -10.78
C ASP A 648 4.64 22.18 -12.25
N PRO A 649 4.14 21.07 -12.80
CA PRO A 649 4.19 20.86 -14.25
C PRO A 649 3.30 21.87 -14.97
N ASP A 650 3.79 22.37 -16.09
CA ASP A 650 3.11 23.38 -16.90
C ASP A 650 2.72 22.70 -18.20
N PHE A 651 1.55 22.05 -18.20
CA PHE A 651 1.14 21.27 -19.36
C PHE A 651 0.85 22.13 -20.58
N ALA A 652 0.38 23.36 -20.39
CA ALA A 652 0.17 24.23 -21.54
C ALA A 652 1.45 24.40 -22.32
N THR A 653 2.59 24.52 -21.62
CA THR A 653 3.87 24.61 -22.30
C THR A 653 4.39 23.25 -22.71
N SER A 654 4.40 22.27 -21.78
CA SER A 654 5.07 21.01 -22.07
C SER A 654 4.39 20.25 -23.20
N CYS A 655 3.08 20.45 -23.39
CA CYS A 655 2.33 19.74 -24.41
C CYS A 655 2.30 20.50 -25.74
N THR A 656 2.91 21.68 -25.78
CA THR A 656 3.11 22.38 -27.04
C THR A 656 3.82 21.47 -28.04
N ASN A 657 3.25 21.37 -29.23
CA ASN A 657 3.79 20.58 -30.33
C ASN A 657 3.73 19.09 -30.07
N SER A 658 2.91 18.63 -29.13
CA SER A 658 2.80 17.19 -28.91
C SER A 658 2.26 16.50 -30.16
N PRO A 659 2.83 15.36 -30.55
CA PRO A 659 2.22 14.59 -31.65
C PRO A 659 0.96 13.86 -31.26
N ASN A 660 0.63 13.79 -29.97
CA ASN A 660 -0.62 13.21 -29.47
C ASN A 660 -1.27 14.24 -28.56
N PRO A 661 -1.75 15.36 -29.11
CA PRO A 661 -2.16 16.48 -28.26
C PRO A 661 -3.47 16.25 -27.53
N GLU A 662 -4.37 15.44 -28.07
CA GLU A 662 -5.70 15.30 -27.50
C GLU A 662 -5.65 14.83 -26.05
N GLN A 663 -4.73 13.93 -25.73
CA GLN A 663 -4.67 13.32 -24.41
C GLN A 663 -3.33 13.57 -23.72
N CYS A 664 -2.66 14.68 -24.08
CA CYS A 664 -1.36 14.99 -23.52
C CYS A 664 -1.46 15.63 -22.14
N LYS A 665 -2.47 16.47 -21.91
CA LYS A 665 -2.57 17.24 -20.67
C LYS A 665 -3.28 16.41 -19.61
N ARG A 666 -2.49 15.51 -18.99
CA ARG A 666 -2.99 14.53 -18.04
C ARG A 666 -1.97 14.37 -16.93
N ALA A 667 -2.46 14.08 -15.73
CA ALA A 667 -1.61 13.98 -14.55
C ALA A 667 -0.40 13.08 -14.79
N TRP A 668 0.76 13.54 -14.34
CA TRP A 668 1.94 12.68 -14.32
C TRP A 668 1.78 11.57 -13.28
N GLY A 669 2.13 10.35 -13.67
CA GLY A 669 2.27 9.30 -12.69
C GLY A 669 3.47 9.57 -11.80
N VAL A 670 4.63 9.74 -12.43
CA VAL A 670 5.87 10.10 -11.77
C VAL A 670 6.54 11.18 -12.59
N ARG A 671 6.97 12.26 -11.94
CA ARG A 671 7.77 13.29 -12.58
C ARG A 671 8.99 13.56 -11.71
N ALA A 672 10.17 13.60 -12.34
CA ALA A 672 11.41 13.87 -11.64
C ALA A 672 12.10 15.04 -12.33
N ILE A 673 12.53 16.02 -11.54
CA ILE A 673 13.24 17.18 -12.07
C ILE A 673 14.56 17.29 -11.32
N ASN A 674 15.67 17.26 -12.06
CA ASN A 674 17.00 17.47 -11.48
C ASN A 674 17.23 16.62 -10.24
N SER A 675 16.84 15.35 -10.31
CA SER A 675 16.90 14.47 -9.15
C SER A 675 17.76 13.25 -9.47
N THR A 676 18.54 12.80 -8.49
CA THR A 676 19.45 11.68 -8.72
C THR A 676 19.40 10.74 -7.53
N ASP A 677 20.00 9.56 -7.71
CA ASP A 677 19.95 8.53 -6.67
C ASP A 677 18.53 8.28 -6.20
N VAL A 678 17.62 8.20 -7.17
CA VAL A 678 16.24 7.81 -6.97
C VAL A 678 16.09 6.39 -7.52
N PHE A 679 15.53 5.49 -6.71
CA PHE A 679 15.41 4.08 -7.04
C PHE A 679 13.96 3.68 -6.89
N ILE A 680 13.36 3.15 -7.94
CA ILE A 680 11.98 2.69 -7.90
C ILE A 680 11.99 1.22 -8.32
N TYR A 681 11.70 0.33 -7.36
CA TYR A 681 11.67 -1.10 -7.61
C TYR A 681 10.22 -1.53 -7.69
N GLY A 682 9.67 -1.48 -8.91
CA GLY A 682 8.29 -1.84 -9.17
C GLY A 682 7.40 -0.61 -9.21
N ALA A 683 6.59 -0.51 -10.26
CA ALA A 683 5.65 0.58 -10.40
C ALA A 683 4.48 0.12 -11.25
N GLY A 684 3.27 0.49 -10.84
CA GLY A 684 2.09 0.30 -11.66
C GLY A 684 1.41 1.65 -11.81
N LEU A 685 1.58 2.28 -12.97
CA LEU A 685 1.17 3.67 -13.20
C LEU A 685 0.09 3.64 -14.29
N TYR A 686 -1.17 3.83 -13.89
CA TYR A 686 -2.30 3.46 -14.75
C TYR A 686 -3.09 4.68 -15.20
N SER A 687 -3.60 4.61 -16.44
CA SER A 687 -4.53 5.59 -16.99
C SER A 687 -5.69 4.82 -17.61
N PHE A 688 -6.85 4.79 -16.93
CA PHE A 688 -7.94 3.93 -17.32
C PHE A 688 -9.07 4.61 -18.09
N PHE A 689 -9.06 5.94 -18.20
CA PHE A 689 -10.22 6.64 -18.76
C PHE A 689 -9.80 7.88 -19.52
N ASP A 690 -10.74 8.38 -20.31
CA ASP A 690 -10.70 9.76 -20.80
C ASP A 690 -12.12 10.29 -20.65
N ASN A 691 -12.33 11.18 -19.69
CA ASN A 691 -13.66 11.70 -19.40
C ASN A 691 -14.66 10.56 -19.18
N TYR A 692 -14.23 9.58 -18.38
CA TYR A 692 -15.02 8.43 -17.99
C TYR A 692 -15.27 7.43 -19.13
N ASP A 693 -14.72 7.66 -20.32
CA ASP A 693 -14.87 6.75 -21.45
C ASP A 693 -13.62 5.88 -21.51
N GLN A 694 -13.82 4.58 -21.77
CA GLN A 694 -12.70 3.65 -21.79
C GLN A 694 -12.37 3.14 -23.19
N GLU A 695 -12.92 3.76 -24.22
CA GLU A 695 -12.54 3.41 -25.60
C GLU A 695 -11.02 3.46 -25.76
N CYS A 696 -10.37 4.41 -25.10
CA CYS A 696 -8.92 4.58 -25.23
C CYS A 696 -8.13 3.36 -24.81
N LEU A 697 -8.69 2.49 -23.96
CA LEU A 697 -7.96 1.29 -23.57
C LEU A 697 -7.65 0.39 -24.76
N LYS A 698 -8.52 0.41 -25.78
CA LYS A 698 -8.36 -0.50 -26.92
C LYS A 698 -7.07 -0.24 -27.66
N THR A 699 -6.60 0.99 -27.66
CA THR A 699 -5.35 1.35 -28.32
C THR A 699 -4.29 1.78 -27.32
N GLN A 700 -4.48 1.47 -26.04
CA GLN A 700 -3.50 1.76 -24.99
C GLN A 700 -3.10 3.23 -25.01
N SER A 701 -4.09 4.12 -25.10
CA SER A 701 -3.80 5.53 -25.42
C SER A 701 -4.71 6.48 -24.64
N CYS A 702 -5.05 6.13 -23.41
CA CYS A 702 -5.83 7.02 -22.57
C CYS A 702 -5.08 8.32 -22.27
N GLN A 703 -3.76 8.27 -22.11
CA GLN A 703 -2.99 9.49 -22.06
C GLN A 703 -1.73 9.33 -22.88
N THR A 704 -1.05 10.46 -23.10
CA THR A 704 0.14 10.44 -23.96
C THR A 704 1.41 10.05 -23.21
N ASN A 705 1.61 10.57 -22.00
CA ASN A 705 2.85 10.42 -21.26
C ASN A 705 2.54 10.06 -19.82
N MET A 706 3.42 9.28 -19.21
CA MET A 706 3.19 8.78 -17.85
C MET A 706 4.32 9.11 -16.87
N VAL A 707 5.57 8.87 -17.27
CA VAL A 707 6.74 9.21 -16.45
C VAL A 707 7.55 10.26 -17.18
N SER A 708 7.89 11.35 -16.49
CA SER A 708 8.73 12.40 -17.05
C SER A 708 9.99 12.52 -16.23
N LEU A 709 11.14 12.33 -16.88
CA LEU A 709 12.44 12.60 -16.28
C LEU A 709 12.97 13.87 -16.95
N GLU A 710 13.30 14.88 -16.14
CA GLU A 710 13.71 16.18 -16.64
C GLU A 710 14.97 16.65 -15.95
N GLY A 711 15.77 17.44 -16.67
CA GLY A 711 16.97 17.99 -16.08
C GLY A 711 18.02 16.94 -15.79
N ASN A 712 18.19 15.97 -16.69
CA ASN A 712 19.07 14.83 -16.49
C ASN A 712 18.87 14.18 -15.13
N SER A 713 17.63 13.82 -14.84
CA SER A 713 17.37 13.08 -13.61
C SER A 713 17.90 11.65 -13.74
N GLN A 714 18.57 11.18 -12.70
CA GLN A 714 19.05 9.81 -12.65
C GLN A 714 18.10 9.03 -11.76
N VAL A 715 17.07 8.48 -12.40
CA VAL A 715 16.04 7.68 -11.74
C VAL A 715 16.22 6.25 -12.23
N HIS A 716 16.52 5.35 -11.31
CA HIS A 716 16.79 3.96 -11.63
C HIS A 716 15.49 3.20 -11.47
N LEU A 717 14.88 2.83 -12.59
CA LEU A 717 13.55 2.26 -12.63
C LEU A 717 13.65 0.78 -12.96
N PHE A 718 13.01 -0.04 -12.14
CA PHE A 718 12.98 -1.48 -12.34
C PHE A 718 11.52 -1.92 -12.29
N GLY A 719 11.13 -2.78 -13.21
CA GLY A 719 9.75 -3.24 -13.23
C GLY A 719 8.76 -2.11 -13.35
N LEU A 720 8.97 -1.22 -14.32
CA LEU A 720 8.02 -0.16 -14.61
C LEU A 720 6.89 -0.71 -15.47
N SER A 721 5.69 -0.79 -14.92
CA SER A 721 4.49 -1.09 -15.69
C SER A 721 3.61 0.15 -15.77
N THR A 722 3.12 0.42 -16.97
CA THR A 722 2.18 1.51 -17.20
C THR A 722 1.00 0.98 -17.99
N LYS A 723 -0.18 1.57 -17.74
CA LYS A 723 -1.39 1.16 -18.46
C LYS A 723 -1.92 2.31 -19.30
N ALA A 724 -1.96 2.11 -20.61
CA ALA A 724 -2.68 2.96 -21.55
C ALA A 724 -2.12 4.38 -21.63
N SER A 725 -0.80 4.51 -21.51
CA SER A 725 -0.09 5.73 -21.86
C SER A 725 0.77 5.45 -23.08
N VAL A 726 0.58 6.24 -24.14
CA VAL A 726 1.30 6.02 -25.39
C VAL A 726 2.80 5.89 -25.12
N ASN A 727 3.34 6.84 -24.37
CA ASN A 727 4.73 6.84 -23.95
C ASN A 727 4.78 6.45 -22.49
N MET A 728 5.53 5.40 -22.19
CA MET A 728 5.70 4.99 -20.80
C MET A 728 6.62 5.96 -20.07
N LEU A 729 7.68 6.39 -20.75
CA LEU A 729 8.79 7.10 -20.13
C LEU A 729 9.33 8.10 -21.13
N THR A 730 9.47 9.35 -20.70
CA THR A 730 9.99 10.44 -21.50
C THR A 730 11.16 11.03 -20.74
N VAL A 731 12.27 11.27 -21.44
CA VAL A 731 13.53 11.72 -20.83
C VAL A 731 13.96 12.97 -21.54
N ASP A 732 14.11 14.06 -20.78
CA ASP A 732 14.56 15.33 -21.33
C ASP A 732 13.76 15.71 -22.58
N GLY A 733 12.45 15.43 -22.53
CA GLY A 733 11.54 15.83 -23.58
C GLY A 733 11.33 14.82 -24.70
N ASN A 734 12.08 13.73 -24.73
CA ASN A 734 11.99 12.73 -25.79
C ASN A 734 11.35 11.47 -25.23
N ALA A 735 10.30 10.98 -25.91
CA ALA A 735 9.75 9.69 -25.56
C ALA A 735 10.80 8.62 -25.76
N VAL A 736 11.02 7.81 -24.73
CA VAL A 736 12.04 6.76 -24.76
C VAL A 736 11.41 5.39 -24.95
N ALA A 737 10.48 5.01 -24.08
CA ALA A 737 9.86 3.69 -24.12
C ALA A 737 8.38 3.89 -24.43
N LEU A 738 7.93 3.30 -25.53
CA LEU A 738 6.54 3.36 -25.94
C LEU A 738 5.81 2.10 -25.51
N ASP A 739 4.55 2.27 -25.09
CA ASP A 739 3.71 1.15 -24.70
C ASP A 739 3.75 0.04 -25.75
N ALA A 740 3.62 0.42 -27.03
CA ALA A 740 3.49 -0.55 -28.10
C ALA A 740 4.70 -1.47 -28.22
N ASP A 741 5.88 -1.01 -27.77
CA ASP A 741 7.09 -1.81 -27.85
C ASP A 741 7.30 -2.73 -26.65
N ASN A 742 6.40 -2.67 -25.66
CA ASN A 742 6.64 -3.33 -24.38
C ASN A 742 5.39 -4.01 -23.85
N ARG A 743 4.49 -4.44 -24.73
CA ARG A 743 3.22 -5.01 -24.31
C ARG A 743 3.44 -6.21 -23.40
N ASN A 744 2.76 -6.21 -22.26
CA ASN A 744 2.70 -7.35 -21.35
C ASN A 744 1.32 -7.97 -21.47
N ASN A 745 0.81 -8.62 -20.42
CA ASN A 745 -0.49 -9.26 -20.49
C ASN A 745 -1.66 -8.30 -20.32
N PHE A 746 -1.38 -7.04 -19.98
CA PHE A 746 -2.41 -6.04 -19.78
C PHE A 746 -1.77 -4.65 -19.82
N CYS A 747 -0.84 -4.40 -18.91
CA CYS A 747 0.01 -3.22 -18.96
C CYS A 747 1.09 -3.42 -20.02
N ALA A 748 1.90 -2.39 -20.22
CA ALA A 748 3.22 -2.50 -20.82
C ALA A 748 4.26 -2.44 -19.71
N THR A 749 5.41 -3.07 -19.92
CA THR A 749 6.39 -3.26 -18.85
C THR A 749 7.81 -3.13 -19.35
N VAL A 750 8.60 -2.29 -18.69
CA VAL A 750 10.04 -2.18 -18.89
C VAL A 750 10.73 -2.76 -17.66
N ALA A 751 11.57 -3.76 -17.87
CA ALA A 751 12.24 -4.42 -16.76
C ALA A 751 13.24 -3.48 -16.09
N TRP A 752 13.96 -2.68 -16.86
CA TRP A 752 15.13 -1.99 -16.35
C TRP A 752 15.41 -0.78 -17.21
N PHE A 753 15.35 0.41 -16.62
CA PHE A 753 15.81 1.63 -17.29
C PHE A 753 17.15 2.02 -16.71
N GLN A 754 18.16 2.08 -17.57
CA GLN A 754 19.51 2.52 -17.22
C GLN A 754 19.62 4.01 -17.49
N SER A 755 19.83 4.79 -16.44
CA SER A 755 19.90 6.23 -16.60
C SER A 755 21.30 6.67 -16.98
#